data_3DM0
#
_entry.id   3DM0
#
_cell.length_a   57.777
_cell.length_b   63.263
_cell.length_c   70.056
_cell.angle_alpha   70.40
_cell.angle_beta   88.38
_cell.angle_gamma   73.82
#
_symmetry.space_group_name_H-M   'P 1'
#
loop_
_entity.id
_entity.type
_entity.pdbx_description
1 polymer 'Maltose-binding periplasmic protein fused with RACK1'
2 branched alpha-D-glucopyranose-(1-4)-alpha-D-glucopyranose
3 non-polymer 1,2-ETHANEDIOL
4 water water
#
_entity_poly.entity_id   1
_entity_poly.type   'polypeptide(L)'
_entity_poly.pdbx_seq_one_letter_code
;KIEEGKLVIWINGDKGYNGLAEVGKKFEKDTGIKVTVEHPDKLEEKFPQVAATGDGPDIIFWAHDRFGGYAQSGLLAEIT
PAAAFQDKLYPFTWDAVRYNGKLIAYPIAVEALSLIYNKDLLPNPPKTWEEIPALDKELKAKGKSALMFNLQEPYFTWPL
IAADGGYAFKYENGKYDIKDVGVDNAGAKAGLTFLVDLIKNKHMNADTDYSIAEAAFNKGETAMTINGPWAWSNIDTSAV
NYGVTVLPTFKGQPSKPFVGVLSAGINAASPNKELAKEFLENYLLTDEGLEAVNKDKPLGAVALKSYEEELAKDPRIAAT
MENAQKGEIMPNIPQMSAFWYAVRTAVINAASGRQTVDAALAAAQTNAAAGLVLKGTMRAHTDMVTAIATPIDNADIIVS
ASRDKSIILWKLTKDDKAYGVAQRRLTGHSHFVEDVVLSSDGQFALSGSWDGELRLWDLAAGVSTRRFVGHTKDVLSVAF
SLDNRQIVSASRDRTIKLWNTLGECKYTISEGGEGHRDWVSCVRFSPNTLQPTIVSASWDKTVKVWNLSNCKLRSTLAGH
TGYVSTVAVSPDGSLCASGGKDGVVLLWDLAEGKKLYSLEANSVIHALCFSPNRYWLCAATEHGIKIWDLESKSIVEDLK
VDLKAEAEKADNSGPAATKRKVIYCTSLNWSADGSTLFSGYTDGVIRVWGIGRY
;
_entity_poly.pdbx_strand_id   A
#
loop_
_chem_comp.id
_chem_comp.type
_chem_comp.name
_chem_comp.formula
EDO non-polymer 1,2-ETHANEDIOL 'C2 H6 O2'
GLC D-saccharide, alpha linking alpha-D-glucopyranose 'C6 H12 O6'
#
# COMPACT_ATOMS: atom_id res chain seq x y z
N LYS A 1 3.32 24.84 -10.31
CA LYS A 1 3.12 24.81 -11.79
C LYS A 1 4.14 23.90 -12.47
N ILE A 2 4.32 24.10 -13.77
CA ILE A 2 5.25 23.29 -14.57
C ILE A 2 6.69 23.77 -14.48
N GLU A 3 6.89 25.08 -14.63
CA GLU A 3 8.21 25.71 -14.58
C GLU A 3 8.99 25.57 -15.89
N GLU A 4 8.37 25.99 -16.98
CA GLU A 4 9.00 25.94 -18.30
C GLU A 4 10.04 27.05 -18.44
N GLY A 5 11.31 26.66 -18.57
CA GLY A 5 12.37 27.65 -18.72
C GLY A 5 13.52 27.43 -17.76
N LYS A 6 13.28 26.66 -16.70
CA LYS A 6 14.31 26.37 -15.70
C LYS A 6 14.33 24.87 -15.40
N LEU A 7 15.27 24.43 -14.56
CA LEU A 7 15.37 23.03 -14.20
C LEU A 7 15.41 22.78 -12.71
N VAL A 8 14.33 22.21 -12.18
CA VAL A 8 14.27 21.88 -10.76
C VAL A 8 14.66 20.42 -10.61
N ILE A 9 15.73 20.17 -9.85
CA ILE A 9 16.24 18.83 -9.62
C ILE A 9 16.16 18.41 -8.15
N TRP A 10 15.86 17.14 -7.92
CA TRP A 10 15.76 16.59 -6.58
C TRP A 10 16.71 15.41 -6.38
N ILE A 11 17.52 15.47 -5.32
CA ILE A 11 18.47 14.42 -5.01
C ILE A 11 18.51 14.26 -3.50
N ASN A 12 18.85 13.07 -3.02
CA ASN A 12 18.87 12.79 -1.59
C ASN A 12 19.94 13.52 -0.78
N GLY A 13 19.62 13.83 0.47
CA GLY A 13 20.53 14.54 1.35
C GLY A 13 21.90 13.93 1.60
N ASP A 14 22.03 12.62 1.40
CA ASP A 14 23.31 11.95 1.64
C ASP A 14 24.21 11.99 0.41
N LYS A 15 23.73 12.58 -0.68
CA LYS A 15 24.53 12.66 -1.90
C LYS A 15 25.16 14.03 -2.10
N GLY A 16 26.18 14.09 -2.95
CA GLY A 16 26.83 15.36 -3.21
C GLY A 16 26.01 16.34 -4.04
N TYR A 17 24.93 16.86 -3.48
CA TYR A 17 24.08 17.80 -4.20
C TYR A 17 24.77 19.12 -4.47
N ASN A 18 25.84 19.40 -3.74
CA ASN A 18 26.56 20.64 -3.98
C ASN A 18 27.32 20.44 -5.29
N GLY A 19 28.12 19.39 -5.37
CA GLY A 19 28.86 19.10 -6.59
C GLY A 19 27.92 19.13 -7.79
N LEU A 20 26.73 18.55 -7.63
CA LEU A 20 25.76 18.54 -8.71
C LEU A 20 25.37 19.99 -9.01
N ALA A 21 25.17 20.77 -7.96
CA ALA A 21 24.82 22.18 -8.11
C ALA A 21 25.84 22.86 -9.02
N GLU A 22 27.11 22.52 -8.85
CA GLU A 22 28.15 23.10 -9.68
C GLU A 22 27.78 22.79 -11.13
N VAL A 23 27.64 21.50 -11.44
CA VAL A 23 27.26 21.06 -12.77
C VAL A 23 26.09 21.90 -13.27
N GLY A 24 25.16 22.22 -12.36
CA GLY A 24 24.00 23.03 -12.72
C GLY A 24 24.43 24.43 -13.11
N LYS A 25 25.41 24.99 -12.40
CA LYS A 25 25.88 26.33 -12.70
C LYS A 25 26.58 26.37 -14.07
N LYS A 26 27.32 25.31 -14.38
CA LYS A 26 28.01 25.19 -15.66
C LYS A 26 26.98 25.10 -16.80
N PHE A 27 25.86 24.46 -16.52
CA PHE A 27 24.80 24.32 -17.53
C PHE A 27 24.20 25.68 -17.78
N GLU A 28 23.89 26.37 -16.69
CA GLU A 28 23.28 27.69 -16.75
C GLU A 28 24.17 28.65 -17.55
N LYS A 29 25.47 28.58 -17.31
CA LYS A 29 26.42 29.44 -18.02
C LYS A 29 26.32 29.30 -19.54
N ASP A 30 26.31 28.05 -20.01
CA ASP A 30 26.24 27.78 -21.44
C ASP A 30 24.83 27.82 -22.01
N THR A 31 23.84 27.66 -21.13
CA THR A 31 22.44 27.63 -21.55
C THR A 31 21.69 28.90 -21.25
N GLY A 32 21.98 29.50 -20.10
CA GLY A 32 21.28 30.71 -19.70
C GLY A 32 20.09 30.26 -18.90
N ILE A 33 20.10 28.97 -18.51
CA ILE A 33 19.02 28.37 -17.73
C ILE A 33 19.41 28.00 -16.32
N LYS A 34 18.65 28.55 -15.38
CA LYS A 34 18.86 28.35 -13.95
C LYS A 34 18.54 26.92 -13.53
N VAL A 35 19.45 26.31 -12.80
CA VAL A 35 19.25 24.95 -12.32
C VAL A 35 19.11 25.00 -10.80
N THR A 36 17.99 24.52 -10.29
CA THR A 36 17.77 24.50 -8.84
C THR A 36 17.89 23.07 -8.31
N VAL A 37 18.84 22.86 -7.40
CA VAL A 37 19.06 21.56 -6.80
C VAL A 37 18.58 21.58 -5.36
N GLU A 38 17.51 20.85 -5.09
CA GLU A 38 16.96 20.78 -3.76
C GLU A 38 17.04 19.33 -3.26
N HIS A 39 17.05 19.15 -1.95
CA HIS A 39 17.10 17.81 -1.35
C HIS A 39 16.06 17.62 -0.23
N PRO A 40 14.76 17.59 -0.60
CA PRO A 40 13.65 17.43 0.35
C PRO A 40 13.78 16.15 1.19
N ASP A 41 13.04 16.08 2.28
CA ASP A 41 13.06 14.90 3.13
C ASP A 41 12.05 13.92 2.55
N LYS A 42 12.48 12.68 2.35
CA LYS A 42 11.56 11.68 1.82
C LYS A 42 11.14 12.08 0.42
N LEU A 43 12.10 12.57 -0.36
CA LEU A 43 11.82 13.01 -1.72
C LEU A 43 11.25 11.87 -2.57
N GLU A 44 11.59 10.63 -2.24
CA GLU A 44 11.10 9.47 -2.98
C GLU A 44 9.60 9.26 -2.80
N GLU A 45 9.05 9.71 -1.68
CA GLU A 45 7.62 9.55 -1.44
C GLU A 45 6.84 10.76 -1.91
N LYS A 46 7.44 11.94 -1.79
CA LYS A 46 6.75 13.14 -2.24
C LYS A 46 6.64 13.15 -3.76
N PHE A 47 7.69 12.69 -4.43
CA PHE A 47 7.69 12.68 -5.88
C PHE A 47 6.41 12.08 -6.48
N PRO A 48 6.14 10.78 -6.22
CA PRO A 48 4.93 10.19 -6.78
C PRO A 48 3.67 11.00 -6.48
N GLN A 49 3.69 11.71 -5.35
CA GLN A 49 2.56 12.53 -4.96
C GLN A 49 2.44 13.75 -5.87
N VAL A 50 3.41 14.64 -5.78
CA VAL A 50 3.41 15.86 -6.58
C VAL A 50 3.36 15.59 -8.09
N ALA A 51 4.13 14.61 -8.55
CA ALA A 51 4.17 14.28 -9.97
C ALA A 51 2.80 13.88 -10.50
N ALA A 52 1.99 13.33 -9.60
CA ALA A 52 0.64 12.88 -9.96
C ALA A 52 -0.24 14.07 -10.33
N THR A 53 -0.12 15.15 -9.58
CA THR A 53 -0.91 16.35 -9.85
C THR A 53 -0.27 17.20 -10.94
N GLY A 54 0.85 16.74 -11.49
CA GLY A 54 1.51 17.49 -12.53
C GLY A 54 2.63 18.41 -12.04
N ASP A 55 2.83 18.44 -10.73
CA ASP A 55 3.87 19.27 -10.14
C ASP A 55 5.10 18.41 -9.92
N GLY A 56 6.02 18.91 -9.09
CA GLY A 56 7.24 18.19 -8.80
C GLY A 56 8.42 18.74 -9.56
N PRO A 57 9.60 18.12 -9.42
CA PRO A 57 10.81 18.59 -10.12
C PRO A 57 10.83 18.09 -11.56
N ASP A 58 11.79 18.59 -12.34
CA ASP A 58 11.91 18.17 -13.71
C ASP A 58 12.69 16.86 -13.73
N ILE A 59 13.67 16.77 -12.83
CA ILE A 59 14.52 15.61 -12.69
C ILE A 59 14.56 15.12 -11.25
N ILE A 60 14.42 13.81 -11.06
CA ILE A 60 14.47 13.21 -9.74
C ILE A 60 15.57 12.14 -9.65
N PHE A 61 16.32 12.15 -8.54
CA PHE A 61 17.40 11.20 -8.32
C PHE A 61 17.04 10.23 -7.24
N TRP A 62 17.45 8.98 -7.40
CA TRP A 62 17.20 7.95 -6.40
C TRP A 62 17.79 6.66 -6.94
N ALA A 63 17.91 5.65 -6.07
CA ALA A 63 18.41 4.38 -6.53
C ALA A 63 17.35 3.85 -7.52
N HIS A 64 17.75 3.06 -8.49
CA HIS A 64 16.83 2.57 -9.48
C HIS A 64 15.59 1.81 -8.97
N ASP A 65 15.76 1.06 -7.90
CA ASP A 65 14.68 0.24 -7.36
C ASP A 65 13.30 0.90 -7.22
N ARG A 66 13.26 2.23 -7.18
CA ARG A 66 11.98 2.90 -7.04
C ARG A 66 11.35 3.44 -8.32
N PHE A 67 12.10 3.39 -9.42
CA PHE A 67 11.59 3.92 -10.66
C PHE A 67 10.52 3.09 -11.38
N GLY A 68 10.50 1.79 -11.12
CA GLY A 68 9.49 0.95 -11.74
C GLY A 68 8.11 1.41 -11.31
N GLY A 69 7.98 1.74 -10.03
CA GLY A 69 6.72 2.22 -9.51
C GLY A 69 6.30 3.56 -10.10
N TYR A 70 7.26 4.47 -10.29
CA TYR A 70 6.95 5.77 -10.88
C TYR A 70 6.48 5.62 -12.32
N ALA A 71 7.26 4.88 -13.09
CA ALA A 71 6.94 4.63 -14.49
C ALA A 71 5.52 4.07 -14.60
N GLN A 72 5.23 3.04 -13.80
CA GLN A 72 3.92 2.39 -13.80
C GLN A 72 2.79 3.41 -13.64
N SER A 73 3.02 4.40 -12.79
CA SER A 73 2.04 5.44 -12.53
C SER A 73 2.18 6.59 -13.51
N GLY A 74 2.87 6.33 -14.63
CA GLY A 74 3.07 7.35 -15.65
C GLY A 74 3.70 8.64 -15.19
N LEU A 75 4.53 8.60 -14.15
CA LEU A 75 5.16 9.82 -13.67
C LEU A 75 6.49 10.11 -14.34
N LEU A 76 6.93 9.20 -15.22
CA LEU A 76 8.22 9.37 -15.89
C LEU A 76 8.19 9.37 -17.42
N ALA A 77 8.90 10.32 -18.00
CA ALA A 77 9.01 10.42 -19.45
C ALA A 77 10.00 9.37 -19.92
N GLU A 78 9.73 8.75 -21.06
CA GLU A 78 10.64 7.73 -21.58
C GLU A 78 11.91 8.41 -22.09
N ILE A 79 13.07 7.85 -21.76
CA ILE A 79 14.31 8.46 -22.24
C ILE A 79 14.82 7.69 -23.44
N THR A 80 15.41 8.40 -24.41
CA THR A 80 15.90 7.79 -25.63
C THR A 80 17.23 8.36 -26.11
N PRO A 81 18.34 7.92 -25.51
CA PRO A 81 19.64 8.44 -25.93
C PRO A 81 20.10 7.82 -27.23
N ALA A 82 20.93 8.54 -27.97
CA ALA A 82 21.47 8.04 -29.23
C ALA A 82 22.35 6.85 -28.91
N ALA A 83 22.49 5.94 -29.86
CA ALA A 83 23.31 4.76 -29.64
C ALA A 83 24.71 5.15 -29.19
N ALA A 84 25.21 6.27 -29.72
CA ALA A 84 26.54 6.72 -29.34
C ALA A 84 26.60 6.95 -27.84
N PHE A 85 25.61 7.67 -27.33
CA PHE A 85 25.58 7.95 -25.91
C PHE A 85 25.49 6.67 -25.10
N GLN A 86 24.54 5.81 -25.45
CA GLN A 86 24.37 4.54 -24.75
C GLN A 86 25.64 3.75 -24.55
N ASP A 87 26.46 3.65 -25.60
CA ASP A 87 27.70 2.89 -25.51
C ASP A 87 28.65 3.44 -24.44
N LYS A 88 28.48 4.72 -24.10
CA LYS A 88 29.30 5.35 -23.07
C LYS A 88 29.08 4.74 -21.69
N LEU A 89 27.87 4.25 -21.44
CA LEU A 89 27.51 3.63 -20.17
C LEU A 89 27.50 2.09 -20.29
N TYR A 90 27.77 1.40 -19.18
CA TYR A 90 27.77 -0.07 -19.16
C TYR A 90 26.36 -0.59 -19.45
N PRO A 91 26.25 -1.61 -20.31
CA PRO A 91 24.93 -2.15 -20.64
C PRO A 91 24.10 -2.56 -19.41
N PHE A 92 24.77 -3.17 -18.44
CA PHE A 92 24.08 -3.60 -17.24
C PHE A 92 23.50 -2.43 -16.46
N THR A 93 24.08 -1.23 -16.61
CA THR A 93 23.53 -0.10 -15.88
C THR A 93 22.25 0.34 -16.56
N TRP A 94 22.17 0.14 -17.86
CA TRP A 94 20.95 0.49 -18.59
C TRP A 94 19.82 -0.48 -18.19
N ASP A 95 20.15 -1.75 -18.02
CA ASP A 95 19.15 -2.74 -17.62
C ASP A 95 18.50 -2.35 -16.30
N ALA A 96 19.28 -1.78 -15.39
CA ALA A 96 18.78 -1.38 -14.08
C ALA A 96 17.64 -0.38 -14.21
N VAL A 97 17.67 0.42 -15.26
CA VAL A 97 16.65 1.43 -15.46
C VAL A 97 15.72 1.10 -16.63
N ARG A 98 15.57 -0.17 -16.92
CA ARG A 98 14.69 -0.57 -18.02
C ARG A 98 13.45 -1.29 -17.48
N TYR A 99 12.30 -0.67 -17.70
CA TYR A 99 11.04 -1.19 -17.20
C TYR A 99 10.03 -1.45 -18.33
N ASN A 100 9.56 -2.69 -18.43
CA ASN A 100 8.61 -3.08 -19.48
C ASN A 100 9.26 -2.80 -20.83
N GLY A 101 10.55 -3.09 -20.90
CA GLY A 101 11.29 -2.89 -22.13
C GLY A 101 11.76 -1.49 -22.43
N LYS A 102 11.31 -0.50 -21.67
CA LYS A 102 11.72 0.88 -21.93
C LYS A 102 12.69 1.52 -20.92
N LEU A 103 13.51 2.43 -21.43
CA LEU A 103 14.47 3.15 -20.58
C LEU A 103 13.71 4.30 -19.89
N ILE A 104 13.64 4.22 -18.57
CA ILE A 104 12.92 5.24 -17.80
C ILE A 104 13.79 6.21 -17.02
N ALA A 105 15.11 6.16 -17.21
CA ALA A 105 16.00 7.06 -16.49
C ALA A 105 17.44 6.82 -16.89
N TYR A 106 18.31 7.76 -16.53
CA TYR A 106 19.72 7.61 -16.84
C TYR A 106 20.42 7.05 -15.62
N PRO A 107 21.17 5.95 -15.80
CA PRO A 107 21.88 5.35 -14.67
C PRO A 107 23.11 6.23 -14.38
N ILE A 108 23.48 6.36 -13.12
CA ILE A 108 24.61 7.19 -12.75
C ILE A 108 25.76 6.43 -12.13
N ALA A 109 25.50 5.72 -11.02
CA ALA A 109 26.56 4.98 -10.36
C ALA A 109 26.05 3.77 -9.59
N VAL A 110 26.91 2.77 -9.44
CA VAL A 110 26.58 1.55 -8.74
C VAL A 110 26.98 1.67 -7.27
N GLU A 111 25.97 1.63 -6.39
CA GLU A 111 26.17 1.73 -4.95
C GLU A 111 26.08 0.36 -4.28
N ALA A 112 26.99 0.09 -3.36
CA ALA A 112 26.98 -1.17 -2.62
C ALA A 112 27.56 -0.91 -1.25
N LEU A 113 26.93 -1.48 -0.23
CA LEU A 113 27.40 -1.31 1.13
C LEU A 113 28.68 -2.08 1.36
N SER A 114 29.52 -1.58 2.26
CA SER A 114 30.77 -2.26 2.61
C SER A 114 30.97 -2.13 4.11
N LEU A 115 31.92 -2.90 4.63
CA LEU A 115 32.29 -2.84 6.03
C LEU A 115 33.43 -1.80 6.11
N ILE A 116 33.19 -0.73 6.87
CA ILE A 116 34.18 0.33 7.03
C ILE A 116 34.75 0.21 8.42
N TYR A 117 36.06 0.01 8.53
CA TYR A 117 36.66 -0.14 9.85
C TYR A 117 37.76 0.84 10.21
N ASN A 118 37.99 0.99 11.51
CA ASN A 118 39.02 1.88 12.01
C ASN A 118 40.29 1.05 12.15
N LYS A 119 41.23 1.28 11.23
CA LYS A 119 42.48 0.55 11.22
C LYS A 119 43.23 0.66 12.55
N ASP A 120 43.09 1.79 13.24
CA ASP A 120 43.79 1.98 14.51
C ASP A 120 43.23 1.18 15.67
N LEU A 121 41.91 0.96 15.66
CA LEU A 121 41.24 0.20 16.71
C LEU A 121 41.15 -1.28 16.35
N LEU A 122 41.15 -1.58 15.06
CA LEU A 122 40.98 -2.95 14.61
C LEU A 122 41.74 -3.23 13.33
N PRO A 123 43.04 -3.59 13.44
CA PRO A 123 43.93 -3.90 12.31
C PRO A 123 43.34 -4.97 11.42
N ASN A 124 42.85 -6.03 12.04
CA ASN A 124 42.27 -7.14 11.31
C ASN A 124 40.78 -7.27 11.65
N PRO A 125 39.91 -6.73 10.79
CA PRO A 125 38.46 -6.80 11.01
C PRO A 125 37.95 -8.24 10.95
N PRO A 126 36.88 -8.53 11.69
CA PRO A 126 36.34 -9.89 11.69
C PRO A 126 35.89 -10.33 10.29
N LYS A 127 36.16 -11.58 9.96
CA LYS A 127 35.75 -12.08 8.65
C LYS A 127 34.32 -12.63 8.76
N THR A 128 33.85 -12.88 9.98
CA THR A 128 32.52 -13.43 10.20
C THR A 128 31.67 -12.65 11.19
N TRP A 129 30.36 -12.72 11.04
CA TRP A 129 29.46 -12.04 11.96
C TRP A 129 29.56 -12.66 13.34
N GLU A 130 29.75 -13.99 13.38
CA GLU A 130 29.82 -14.73 14.63
C GLU A 130 30.96 -14.38 15.58
N GLU A 131 32.01 -13.78 15.06
CA GLU A 131 33.10 -13.43 15.97
C GLU A 131 32.95 -12.00 16.49
N ILE A 132 31.85 -11.35 16.09
CA ILE A 132 31.62 -9.97 16.52
C ILE A 132 31.22 -9.81 17.99
N PRO A 133 30.38 -10.72 18.52
CA PRO A 133 30.01 -10.57 19.94
C PRO A 133 31.24 -10.58 20.87
N ALA A 134 32.19 -11.49 20.60
CA ALA A 134 33.41 -11.55 21.41
C ALA A 134 34.22 -10.29 21.17
N LEU A 135 34.30 -9.88 19.91
CA LEU A 135 35.03 -8.68 19.54
C LEU A 135 34.50 -7.47 20.30
N ASP A 136 33.18 -7.38 20.45
CA ASP A 136 32.58 -6.26 21.15
C ASP A 136 32.94 -6.32 22.64
N LYS A 137 33.00 -7.52 23.20
CA LYS A 137 33.34 -7.64 24.61
C LYS A 137 34.75 -7.12 24.81
N GLU A 138 35.64 -7.49 23.90
CA GLU A 138 37.03 -7.07 23.97
C GLU A 138 37.15 -5.55 23.88
N LEU A 139 36.46 -4.94 22.93
CA LEU A 139 36.52 -3.50 22.74
C LEU A 139 35.83 -2.73 23.84
N LYS A 140 34.74 -3.30 24.36
CA LYS A 140 33.99 -2.67 25.44
C LYS A 140 34.90 -2.48 26.66
N ALA A 141 35.77 -3.44 26.90
CA ALA A 141 36.68 -3.37 28.04
C ALA A 141 37.57 -2.13 27.92
N LYS A 142 37.87 -1.73 26.69
CA LYS A 142 38.70 -0.57 26.41
C LYS A 142 37.84 0.66 26.13
N GLY A 143 36.58 0.63 26.52
CA GLY A 143 35.71 1.78 26.26
C GLY A 143 35.43 2.09 24.79
N LYS A 144 35.16 1.06 24.00
CA LYS A 144 34.85 1.21 22.58
C LYS A 144 33.88 0.11 22.19
N SER A 145 33.09 0.33 21.15
CA SER A 145 32.14 -0.68 20.68
C SER A 145 32.68 -1.26 19.39
N ALA A 146 32.27 -2.47 19.07
CA ALA A 146 32.76 -3.12 17.85
C ALA A 146 32.05 -2.68 16.57
N LEU A 147 30.74 -2.48 16.64
CA LEU A 147 30.00 -2.11 15.45
C LEU A 147 28.73 -1.28 15.68
N MET A 148 28.54 -0.30 14.81
CA MET A 148 27.37 0.56 14.84
C MET A 148 26.98 0.94 13.42
N PHE A 149 25.74 0.67 13.05
CA PHE A 149 25.25 1.04 11.73
C PHE A 149 23.76 1.28 11.81
N ASN A 150 23.21 1.98 10.83
CA ASN A 150 21.80 2.33 10.83
C ASN A 150 20.83 1.15 10.84
N LEU A 151 20.28 0.83 12.01
CA LEU A 151 19.32 -0.26 12.12
C LEU A 151 17.88 0.15 11.80
N GLN A 152 17.67 1.41 11.43
CA GLN A 152 16.32 1.87 11.13
C GLN A 152 15.89 1.59 9.69
N GLU A 153 16.86 1.55 8.77
CA GLU A 153 16.55 1.28 7.36
C GLU A 153 16.92 -0.15 6.99
N PRO A 154 15.97 -0.91 6.41
CA PRO A 154 16.24 -2.30 6.01
C PRO A 154 17.43 -2.45 5.04
N TYR A 155 17.66 -1.42 4.24
CA TYR A 155 18.80 -1.42 3.31
C TYR A 155 20.09 -1.87 4.03
N PHE A 156 20.30 -1.38 5.26
CA PHE A 156 21.50 -1.72 6.01
C PHE A 156 21.47 -3.09 6.69
N THR A 157 20.27 -3.59 7.01
CA THR A 157 20.19 -4.88 7.69
C THR A 157 19.96 -6.04 6.73
N TRP A 158 19.49 -5.72 5.53
CA TRP A 158 19.22 -6.74 4.53
C TRP A 158 20.39 -7.67 4.17
N PRO A 159 21.62 -7.13 4.05
CA PRO A 159 22.75 -7.99 3.69
C PRO A 159 22.88 -9.21 4.61
N LEU A 160 22.61 -9.01 5.90
CA LEU A 160 22.71 -10.10 6.85
C LEU A 160 21.48 -11.03 6.79
N ILE A 161 20.30 -10.47 6.56
CA ILE A 161 19.11 -11.30 6.49
C ILE A 161 19.20 -12.22 5.28
N ALA A 162 19.52 -11.64 4.13
CA ALA A 162 19.64 -12.41 2.88
C ALA A 162 20.80 -13.41 2.86
N ALA A 163 21.85 -13.14 3.63
CA ALA A 163 23.04 -13.99 3.65
C ALA A 163 22.82 -15.50 3.62
N ASP A 164 21.93 -15.98 4.48
CA ASP A 164 21.70 -17.41 4.56
C ASP A 164 20.41 -17.90 3.92
N GLY A 165 19.87 -17.15 2.96
CA GLY A 165 18.66 -17.61 2.32
C GLY A 165 17.54 -16.62 2.08
N GLY A 166 17.49 -15.54 2.84
CA GLY A 166 16.42 -14.57 2.65
C GLY A 166 16.44 -13.92 1.28
N TYR A 167 15.26 -13.63 0.74
CA TYR A 167 15.18 -12.97 -0.55
C TYR A 167 13.89 -12.19 -0.67
N ALA A 168 13.81 -11.28 -1.63
CA ALA A 168 12.60 -10.49 -1.80
C ALA A 168 11.58 -11.25 -2.67
N PHE A 169 11.77 -11.24 -3.98
CA PHE A 169 10.87 -11.93 -4.89
C PHE A 169 11.65 -12.97 -5.66
N LYS A 170 11.12 -14.20 -5.70
CA LYS A 170 11.80 -15.28 -6.40
C LYS A 170 12.09 -14.88 -7.83
N TYR A 171 13.29 -15.20 -8.31
CA TYR A 171 13.68 -14.86 -9.68
C TYR A 171 13.81 -16.17 -10.43
N GLU A 172 13.17 -16.25 -11.58
CA GLU A 172 13.24 -17.47 -12.37
C GLU A 172 12.91 -17.23 -13.83
N ASN A 173 13.61 -17.96 -14.69
CA ASN A 173 13.42 -17.85 -16.12
C ASN A 173 13.40 -16.39 -16.55
N GLY A 174 14.35 -15.62 -16.02
CA GLY A 174 14.45 -14.21 -16.37
C GLY A 174 13.33 -13.30 -15.92
N LYS A 175 12.60 -13.69 -14.88
CA LYS A 175 11.48 -12.90 -14.41
C LYS A 175 11.27 -13.01 -12.89
N TYR A 176 10.64 -12.00 -12.31
CA TYR A 176 10.36 -11.97 -10.87
C TYR A 176 8.91 -12.37 -10.59
N ASP A 177 8.74 -13.30 -9.66
CA ASP A 177 7.41 -13.78 -9.25
C ASP A 177 7.03 -12.97 -8.02
N ILE A 178 6.27 -11.89 -8.20
CA ILE A 178 5.90 -11.03 -7.07
C ILE A 178 5.04 -11.65 -5.99
N LYS A 179 4.74 -12.93 -6.11
CA LYS A 179 3.94 -13.59 -5.08
C LYS A 179 4.82 -14.50 -4.26
N ASP A 180 5.95 -14.89 -4.85
CA ASP A 180 6.92 -15.76 -4.19
C ASP A 180 7.92 -14.89 -3.40
N VAL A 181 7.53 -14.53 -2.19
CA VAL A 181 8.35 -13.69 -1.30
C VAL A 181 9.19 -14.53 -0.37
N GLY A 182 10.47 -14.17 -0.22
CA GLY A 182 11.37 -14.96 0.62
C GLY A 182 11.83 -14.33 1.93
N VAL A 183 10.99 -13.48 2.53
CA VAL A 183 11.37 -12.81 3.77
C VAL A 183 11.14 -13.60 5.05
N ASP A 184 10.41 -14.70 4.98
CA ASP A 184 10.19 -15.45 6.20
C ASP A 184 10.64 -16.89 6.14
N ASN A 185 11.63 -17.17 5.28
CA ASN A 185 12.17 -18.52 5.20
C ASN A 185 13.22 -18.73 6.30
N ALA A 186 13.76 -19.94 6.36
CA ALA A 186 14.74 -20.27 7.38
C ALA A 186 15.92 -19.28 7.37
N GLY A 187 16.39 -18.97 6.17
CA GLY A 187 17.52 -18.06 5.99
C GLY A 187 17.28 -16.69 6.57
N ALA A 188 16.22 -16.04 6.13
CA ALA A 188 15.90 -14.71 6.64
C ALA A 188 15.69 -14.74 8.17
N LYS A 189 15.08 -15.80 8.70
CA LYS A 189 14.85 -15.92 10.14
C LYS A 189 16.17 -16.05 10.89
N ALA A 190 17.10 -16.81 10.33
CA ALA A 190 18.39 -17.01 10.95
C ALA A 190 19.19 -15.70 11.01
N GLY A 191 19.07 -14.88 9.97
CA GLY A 191 19.78 -13.62 9.93
C GLY A 191 19.21 -12.60 10.89
N LEU A 192 17.90 -12.38 10.81
CA LEU A 192 17.27 -11.44 11.70
C LEU A 192 17.42 -11.85 13.17
N THR A 193 17.35 -13.15 13.44
CA THR A 193 17.52 -13.62 14.82
C THR A 193 18.90 -13.26 15.34
N PHE A 194 19.92 -13.48 14.53
CA PHE A 194 21.28 -13.17 14.95
C PHE A 194 21.37 -11.69 15.29
N LEU A 195 20.77 -10.88 14.42
CA LEU A 195 20.76 -9.45 14.61
C LEU A 195 20.11 -9.15 15.95
N VAL A 196 18.86 -9.60 16.12
CA VAL A 196 18.16 -9.36 17.38
C VAL A 196 18.98 -9.85 18.58
N ASP A 197 19.63 -11.00 18.47
CA ASP A 197 20.44 -11.46 19.59
C ASP A 197 21.53 -10.42 19.90
N LEU A 198 22.14 -9.85 18.86
CA LEU A 198 23.16 -8.83 19.06
C LEU A 198 22.58 -7.73 19.95
N ILE A 199 21.37 -7.30 19.64
CA ILE A 199 20.72 -6.27 20.43
C ILE A 199 20.42 -6.76 21.87
N LYS A 200 19.99 -8.02 22.01
CA LYS A 200 19.69 -8.55 23.34
C LYS A 200 20.92 -8.62 24.20
N ASN A 201 22.00 -9.15 23.65
CA ASN A 201 23.23 -9.26 24.40
C ASN A 201 23.96 -7.92 24.42
N LYS A 202 23.22 -6.85 24.13
CA LYS A 202 23.74 -5.50 24.13
C LYS A 202 25.07 -5.22 23.40
N HIS A 203 25.20 -5.72 22.17
CA HIS A 203 26.40 -5.48 21.38
C HIS A 203 26.09 -4.31 20.43
N MET A 204 24.83 -3.88 20.46
CA MET A 204 24.37 -2.72 19.69
C MET A 204 22.91 -2.44 20.08
N ASN A 205 22.54 -1.16 20.04
CA ASN A 205 21.20 -0.74 20.43
C ASN A 205 20.20 -0.68 19.29
N ALA A 206 18.97 -1.05 19.60
CA ALA A 206 17.92 -1.08 18.61
C ALA A 206 17.54 0.30 18.09
N ASP A 207 17.99 1.35 18.76
CA ASP A 207 17.65 2.70 18.32
C ASP A 207 18.75 3.42 17.52
N THR A 208 19.84 2.72 17.23
CA THR A 208 20.93 3.31 16.45
C THR A 208 20.46 3.62 15.02
N ASP A 209 20.50 4.88 14.64
CA ASP A 209 20.08 5.30 13.31
C ASP A 209 21.31 5.69 12.48
N TYR A 210 21.11 6.46 11.42
CA TYR A 210 22.23 6.85 10.57
C TYR A 210 23.23 7.83 11.17
N SER A 211 22.76 8.94 11.72
CA SER A 211 23.67 9.94 12.30
C SER A 211 24.40 9.44 13.54
N ILE A 212 23.69 8.70 14.38
CA ILE A 212 24.32 8.16 15.58
C ILE A 212 25.52 7.29 15.19
N ALA A 213 25.30 6.34 14.29
CA ALA A 213 26.38 5.44 13.86
C ALA A 213 27.49 6.17 13.12
N GLU A 214 27.15 7.15 12.29
CA GLU A 214 28.18 7.88 11.57
C GLU A 214 29.05 8.72 12.53
N ALA A 215 28.41 9.39 13.48
CA ALA A 215 29.14 10.22 14.45
C ALA A 215 30.05 9.32 15.26
N ALA A 216 29.50 8.23 15.78
CA ALA A 216 30.27 7.31 16.60
C ALA A 216 31.52 6.80 15.91
N PHE A 217 31.40 6.49 14.61
CA PHE A 217 32.55 5.97 13.89
C PHE A 217 33.57 7.04 13.57
N ASN A 218 33.08 8.21 13.13
CA ASN A 218 33.95 9.31 12.79
C ASN A 218 34.62 9.90 14.02
N LYS A 219 33.97 9.78 15.17
CA LYS A 219 34.52 10.26 16.44
C LYS A 219 35.43 9.18 17.05
N GLY A 220 35.71 8.13 16.28
CA GLY A 220 36.56 7.05 16.75
C GLY A 220 36.05 6.19 17.90
N GLU A 221 34.76 6.29 18.22
CA GLU A 221 34.19 5.51 19.32
C GLU A 221 33.88 4.05 19.01
N THR A 222 33.58 3.74 17.74
CA THR A 222 33.27 2.37 17.33
C THR A 222 34.21 1.91 16.20
N ALA A 223 34.63 0.65 16.25
CA ALA A 223 35.58 0.11 15.29
C ALA A 223 35.10 -0.11 13.86
N MET A 224 33.84 -0.49 13.70
CA MET A 224 33.30 -0.74 12.38
C MET A 224 31.92 -0.14 12.18
N THR A 225 31.60 0.12 10.93
CA THR A 225 30.30 0.66 10.57
C THR A 225 30.01 0.05 9.20
N ILE A 226 28.79 0.23 8.73
CA ILE A 226 28.41 -0.32 7.44
C ILE A 226 27.78 0.78 6.64
N ASN A 227 28.35 1.09 5.47
CA ASN A 227 27.80 2.18 4.69
C ASN A 227 28.22 2.14 3.23
N GLY A 228 27.66 3.07 2.45
CA GLY A 228 27.99 3.16 1.05
C GLY A 228 29.09 4.18 0.80
N PRO A 229 29.51 4.36 -0.46
CA PRO A 229 30.56 5.30 -0.89
C PRO A 229 30.36 6.77 -0.49
N TRP A 230 29.10 7.19 -0.39
CA TRP A 230 28.78 8.55 -0.02
C TRP A 230 29.23 8.93 1.38
N ALA A 231 29.62 7.95 2.19
CA ALA A 231 30.06 8.23 3.55
C ALA A 231 31.56 8.49 3.66
N TRP A 232 32.32 8.07 2.65
CA TRP A 232 33.76 8.23 2.66
C TRP A 232 34.25 9.67 2.85
N SER A 233 33.46 10.65 2.44
CA SER A 233 33.86 12.04 2.59
C SER A 233 33.93 12.45 4.06
N ASN A 234 32.80 12.37 4.76
CA ASN A 234 32.80 12.72 6.17
C ASN A 234 33.88 12.02 7.00
N ILE A 235 34.18 10.77 6.67
CA ILE A 235 35.19 10.05 7.42
C ILE A 235 36.57 10.62 7.08
N ASP A 236 36.68 11.13 5.85
CA ASP A 236 37.92 11.74 5.37
C ASP A 236 38.24 12.97 6.21
N THR A 237 37.25 13.81 6.39
CA THR A 237 37.39 15.05 7.14
C THR A 237 37.55 14.81 8.63
N SER A 238 37.23 13.59 9.07
CA SER A 238 37.32 13.24 10.47
C SER A 238 38.70 12.75 10.85
N ALA A 239 39.55 12.58 9.84
CA ALA A 239 40.93 12.14 10.04
C ALA A 239 41.08 10.70 10.54
N VAL A 240 39.97 9.96 10.60
CA VAL A 240 40.02 8.56 11.03
C VAL A 240 40.78 7.76 9.97
N ASN A 241 41.56 6.77 10.41
CA ASN A 241 42.31 5.95 9.47
C ASN A 241 41.50 4.69 9.22
N TYR A 242 40.63 4.77 8.21
CA TYR A 242 39.75 3.67 7.89
C TYR A 242 40.12 2.81 6.71
N GLY A 243 39.35 1.74 6.57
CA GLY A 243 39.51 0.79 5.49
C GLY A 243 38.10 0.39 5.07
N VAL A 244 37.96 -0.05 3.83
CA VAL A 244 36.68 -0.47 3.30
C VAL A 244 36.91 -1.89 2.79
N THR A 245 36.27 -2.86 3.44
CA THR A 245 36.47 -4.25 3.08
C THR A 245 35.17 -5.08 2.92
N VAL A 246 35.34 -6.33 2.50
CA VAL A 246 34.24 -7.29 2.31
C VAL A 246 33.41 -7.37 3.60
N LEU A 247 32.08 -7.43 3.46
CA LEU A 247 31.24 -7.54 4.65
C LEU A 247 31.53 -8.88 5.29
N PRO A 248 31.16 -9.04 6.57
CA PRO A 248 31.42 -10.33 7.22
C PRO A 248 30.47 -11.39 6.66
N THR A 249 30.84 -12.65 6.83
CA THR A 249 29.98 -13.73 6.36
C THR A 249 29.10 -14.17 7.53
N PHE A 250 28.04 -14.88 7.22
CA PHE A 250 27.14 -15.41 8.23
C PHE A 250 26.93 -16.89 7.90
N LYS A 251 27.13 -17.75 8.88
CA LYS A 251 26.98 -19.18 8.64
C LYS A 251 27.75 -19.56 7.37
N GLY A 252 28.93 -18.97 7.26
CA GLY A 252 29.81 -19.22 6.13
C GLY A 252 29.47 -18.58 4.79
N GLN A 253 28.30 -17.96 4.70
CA GLN A 253 27.89 -17.32 3.45
C GLN A 253 28.19 -15.83 3.55
N PRO A 254 28.52 -15.17 2.43
CA PRO A 254 28.82 -13.73 2.45
C PRO A 254 27.52 -12.95 2.58
N SER A 255 27.57 -11.78 3.23
CA SER A 255 26.40 -10.92 3.37
C SER A 255 26.06 -10.51 1.95
N LYS A 256 24.77 -10.44 1.62
CA LYS A 256 24.34 -10.08 0.26
C LYS A 256 23.56 -8.80 0.22
N PRO A 257 24.24 -7.66 0.06
CA PRO A 257 23.50 -6.41 0.04
C PRO A 257 22.77 -6.21 -1.26
N PHE A 258 21.70 -5.45 -1.20
CA PHE A 258 20.96 -5.14 -2.40
C PHE A 258 21.72 -3.99 -3.01
N VAL A 259 22.05 -4.15 -4.29
CA VAL A 259 22.82 -3.16 -5.00
C VAL A 259 21.95 -2.14 -5.68
N GLY A 260 22.16 -0.87 -5.36
CA GLY A 260 21.39 0.18 -5.98
C GLY A 260 22.17 0.86 -7.09
N VAL A 261 21.46 1.43 -8.05
CA VAL A 261 22.08 2.15 -9.13
C VAL A 261 21.46 3.51 -9.10
N LEU A 262 22.21 4.49 -8.61
CA LEU A 262 21.73 5.87 -8.55
C LEU A 262 21.29 6.26 -9.94
N SER A 263 20.08 6.78 -10.08
CA SER A 263 19.57 7.13 -11.41
C SER A 263 18.79 8.44 -11.45
N ALA A 264 18.73 9.03 -12.64
CA ALA A 264 18.03 10.29 -12.84
C ALA A 264 16.90 10.16 -13.85
N GLY A 265 15.67 10.39 -13.41
CA GLY A 265 14.52 10.30 -14.28
C GLY A 265 13.95 11.67 -14.55
N ILE A 266 13.23 11.81 -15.67
CA ILE A 266 12.62 13.07 -16.04
C ILE A 266 11.11 12.99 -15.82
N ASN A 267 10.57 14.03 -15.17
CA ASN A 267 9.14 14.12 -14.86
C ASN A 267 8.27 14.10 -16.12
N ALA A 268 7.29 13.20 -16.14
CA ALA A 268 6.38 13.08 -17.28
C ALA A 268 5.69 14.42 -17.56
N ALA A 269 5.45 15.19 -16.48
CA ALA A 269 4.80 16.49 -16.58
C ALA A 269 5.75 17.65 -16.94
N SER A 270 7.05 17.45 -16.77
CA SER A 270 8.01 18.51 -17.08
C SER A 270 7.89 19.08 -18.49
N PRO A 271 8.02 20.41 -18.62
CA PRO A 271 7.93 21.09 -19.91
C PRO A 271 9.34 21.44 -20.39
N ASN A 272 10.33 20.80 -19.78
CA ASN A 272 11.72 21.02 -20.14
C ASN A 272 12.41 19.68 -20.41
N LYS A 273 11.62 18.70 -20.83
CA LYS A 273 12.16 17.38 -21.09
C LYS A 273 13.42 17.41 -21.94
N GLU A 274 13.53 18.40 -22.83
CA GLU A 274 14.72 18.51 -23.67
C GLU A 274 15.90 19.07 -22.90
N LEU A 275 15.64 20.13 -22.14
CA LEU A 275 16.68 20.75 -21.34
C LEU A 275 17.23 19.75 -20.34
N ALA A 276 16.33 18.88 -19.86
CA ALA A 276 16.70 17.84 -18.91
C ALA A 276 17.69 16.85 -19.53
N LYS A 277 17.40 16.43 -20.76
CA LYS A 277 18.23 15.45 -21.47
C LYS A 277 19.59 16.01 -21.82
N GLU A 278 19.60 17.28 -22.18
CA GLU A 278 20.82 17.98 -22.55
C GLU A 278 21.74 18.05 -21.34
N PHE A 279 21.15 18.31 -20.18
CA PHE A 279 21.88 18.41 -18.92
C PHE A 279 22.48 17.07 -18.51
N LEU A 280 21.60 16.10 -18.30
CA LEU A 280 22.04 14.77 -17.87
C LEU A 280 23.04 14.12 -18.83
N GLU A 281 22.77 14.22 -20.12
CA GLU A 281 23.64 13.61 -21.12
C GLU A 281 24.94 14.31 -21.45
N ASN A 282 24.91 15.63 -21.57
CA ASN A 282 26.13 16.35 -21.94
C ASN A 282 26.90 17.02 -20.82
N TYR A 283 26.27 17.19 -19.66
CA TYR A 283 26.97 17.84 -18.55
C TYR A 283 27.25 16.88 -17.39
N LEU A 284 26.22 16.20 -16.89
CA LEU A 284 26.43 15.28 -15.79
C LEU A 284 27.21 14.03 -16.18
N LEU A 285 26.68 13.28 -17.14
CA LEU A 285 27.33 12.06 -17.57
C LEU A 285 28.58 12.28 -18.41
N THR A 286 29.48 13.10 -17.88
CA THR A 286 30.76 13.40 -18.53
C THR A 286 31.81 13.20 -17.46
N ASP A 287 33.06 13.05 -17.88
CA ASP A 287 34.14 12.85 -16.92
C ASP A 287 34.22 14.02 -15.96
N GLU A 288 33.78 15.18 -16.43
CA GLU A 288 33.78 16.39 -15.65
C GLU A 288 32.59 16.44 -14.70
N GLY A 289 31.41 16.16 -15.24
CA GLY A 289 30.20 16.19 -14.44
C GLY A 289 30.26 15.27 -13.24
N LEU A 290 30.60 14.01 -13.47
CA LEU A 290 30.70 13.05 -12.39
C LEU A 290 31.78 13.48 -11.40
N GLU A 291 32.97 13.80 -11.90
CA GLU A 291 34.06 14.22 -11.02
C GLU A 291 33.64 15.38 -10.11
N ALA A 292 32.74 16.23 -10.60
CA ALA A 292 32.27 17.36 -9.81
C ALA A 292 31.38 16.89 -8.66
N VAL A 293 30.65 15.81 -8.91
CA VAL A 293 29.77 15.26 -7.89
C VAL A 293 30.60 14.40 -6.97
N ASN A 294 31.40 13.53 -7.57
CA ASN A 294 32.25 12.64 -6.82
C ASN A 294 33.11 13.34 -5.76
N LYS A 295 33.63 14.53 -6.08
CA LYS A 295 34.46 15.26 -5.13
C LYS A 295 33.63 15.70 -3.94
N ASP A 296 32.35 15.96 -4.16
CA ASP A 296 31.45 16.37 -3.08
C ASP A 296 31.25 15.15 -2.16
N LYS A 297 30.74 14.06 -2.73
CA LYS A 297 30.52 12.80 -2.02
C LYS A 297 30.68 11.69 -3.07
N PRO A 298 31.57 10.71 -2.82
CA PRO A 298 31.79 9.62 -3.79
C PRO A 298 30.48 8.96 -4.27
N LEU A 299 30.42 8.68 -5.56
CA LEU A 299 29.24 8.06 -6.16
C LEU A 299 29.30 6.54 -6.12
N GLY A 300 30.52 6.00 -6.11
CA GLY A 300 30.68 4.56 -6.13
C GLY A 300 31.21 4.21 -7.52
N ALA A 301 30.86 3.06 -8.07
CA ALA A 301 31.35 2.72 -9.40
C ALA A 301 30.39 3.34 -10.40
N VAL A 302 30.85 4.34 -11.16
CA VAL A 302 29.98 5.02 -12.10
C VAL A 302 29.63 4.25 -13.38
N ALA A 303 28.49 4.59 -13.96
CA ALA A 303 28.00 3.97 -15.16
C ALA A 303 28.90 4.32 -16.35
N LEU A 304 29.36 5.58 -16.39
CA LEU A 304 30.22 6.07 -17.47
C LEU A 304 31.57 5.38 -17.47
N LYS A 305 31.83 4.57 -18.49
CA LYS A 305 33.07 3.80 -18.62
C LYS A 305 34.35 4.63 -18.48
N SER A 306 34.51 5.63 -19.33
CA SER A 306 35.70 6.47 -19.33
C SER A 306 36.12 6.90 -17.94
N TYR A 307 35.17 7.43 -17.17
CA TYR A 307 35.49 7.88 -15.83
C TYR A 307 35.63 6.74 -14.85
N GLU A 308 35.00 5.59 -15.14
CA GLU A 308 35.10 4.45 -14.23
C GLU A 308 36.52 3.89 -14.31
N GLU A 309 37.14 4.02 -15.48
CA GLU A 309 38.49 3.53 -15.66
C GLU A 309 39.45 4.12 -14.62
N GLU A 310 39.19 5.37 -14.21
CA GLU A 310 40.03 5.99 -13.19
C GLU A 310 39.58 5.50 -11.82
N LEU A 311 38.29 5.69 -11.52
CA LEU A 311 37.76 5.28 -10.22
C LEU A 311 38.04 3.83 -9.81
N ALA A 312 37.99 2.88 -10.75
CA ALA A 312 38.25 1.49 -10.41
C ALA A 312 39.62 1.27 -9.79
N LYS A 313 40.49 2.28 -9.92
CA LYS A 313 41.83 2.17 -9.37
C LYS A 313 41.78 2.31 -7.86
N ASP A 314 40.80 3.03 -7.36
CA ASP A 314 40.63 3.21 -5.92
C ASP A 314 40.22 1.88 -5.27
N PRO A 315 40.98 1.43 -4.25
CA PRO A 315 40.71 0.16 -3.54
C PRO A 315 39.35 0.12 -2.87
N ARG A 316 38.87 1.28 -2.45
CA ARG A 316 37.56 1.38 -1.80
C ARG A 316 36.48 1.04 -2.82
N ILE A 317 36.72 1.42 -4.07
CA ILE A 317 35.80 1.14 -5.18
C ILE A 317 35.85 -0.35 -5.48
N ALA A 318 37.06 -0.91 -5.47
CA ALA A 318 37.23 -2.33 -5.72
C ALA A 318 36.48 -3.09 -4.64
N ALA A 319 36.58 -2.62 -3.39
CA ALA A 319 35.91 -3.28 -2.28
C ALA A 319 34.39 -3.15 -2.45
N THR A 320 33.97 -2.00 -2.94
CA THR A 320 32.57 -1.78 -3.15
C THR A 320 32.04 -2.84 -4.13
N MET A 321 32.77 -3.04 -5.23
CA MET A 321 32.35 -3.98 -6.25
C MET A 321 32.43 -5.43 -5.80
N GLU A 322 33.27 -5.71 -4.81
CA GLU A 322 33.33 -7.09 -4.33
C GLU A 322 32.06 -7.40 -3.52
N ASN A 323 31.60 -6.44 -2.73
CA ASN A 323 30.38 -6.65 -1.97
C ASN A 323 29.21 -6.69 -2.93
N ALA A 324 29.29 -5.86 -3.97
CA ALA A 324 28.24 -5.81 -4.97
C ALA A 324 28.07 -7.20 -5.60
N GLN A 325 29.22 -7.85 -5.88
CA GLN A 325 29.21 -9.18 -6.49
C GLN A 325 28.61 -10.24 -5.59
N LYS A 326 28.68 -10.02 -4.28
CA LYS A 326 28.14 -10.98 -3.34
C LYS A 326 26.62 -10.81 -3.25
N GLY A 327 26.14 -9.61 -3.56
CA GLY A 327 24.71 -9.35 -3.51
C GLY A 327 24.14 -9.30 -4.92
N GLU A 328 23.06 -8.55 -5.12
CA GLU A 328 22.50 -8.45 -6.46
C GLU A 328 21.79 -7.13 -6.67
N ILE A 329 21.73 -6.70 -7.92
CA ILE A 329 21.08 -5.46 -8.23
C ILE A 329 19.61 -5.57 -7.91
N MET A 330 19.08 -4.52 -7.31
CA MET A 330 17.70 -4.47 -6.92
C MET A 330 16.72 -4.52 -8.09
N PRO A 331 15.54 -5.12 -7.88
CA PRO A 331 14.57 -5.17 -8.96
C PRO A 331 14.01 -3.75 -8.98
N ASN A 332 13.41 -3.33 -10.09
CA ASN A 332 12.81 -2.00 -10.17
C ASN A 332 11.28 -2.11 -10.29
N ILE A 333 10.75 -3.30 -10.10
CA ILE A 333 9.29 -3.51 -10.17
C ILE A 333 8.58 -2.74 -9.05
N PRO A 334 7.33 -2.28 -9.29
CA PRO A 334 6.55 -1.53 -8.30
C PRO A 334 6.48 -2.12 -6.88
N GLN A 335 6.46 -3.44 -6.80
CA GLN A 335 6.37 -4.11 -5.51
C GLN A 335 7.53 -3.82 -4.56
N MET A 336 8.67 -3.40 -5.10
CA MET A 336 9.83 -3.12 -4.24
C MET A 336 9.56 -2.23 -3.03
N SER A 337 8.80 -1.14 -3.20
CA SER A 337 8.54 -0.27 -2.06
C SER A 337 7.74 -1.03 -1.00
N ALA A 338 6.82 -1.88 -1.44
CA ALA A 338 6.02 -2.67 -0.50
C ALA A 338 6.98 -3.58 0.27
N PHE A 339 7.93 -4.17 -0.46
CA PHE A 339 8.90 -5.06 0.17
C PHE A 339 9.71 -4.32 1.23
N TRP A 340 10.19 -3.11 0.88
CA TRP A 340 10.99 -2.29 1.80
C TRP A 340 10.21 -1.91 3.05
N TYR A 341 8.98 -1.42 2.85
CA TYR A 341 8.13 -1.03 3.98
C TYR A 341 7.86 -2.25 4.86
N ALA A 342 7.65 -3.39 4.22
CA ALA A 342 7.38 -4.62 4.96
C ALA A 342 8.59 -5.00 5.81
N VAL A 343 9.75 -5.08 5.17
CA VAL A 343 10.97 -5.47 5.90
C VAL A 343 11.37 -4.47 6.99
N ARG A 344 11.15 -3.18 6.74
CA ARG A 344 11.50 -2.16 7.72
C ARG A 344 10.72 -2.35 9.01
N THR A 345 9.41 -2.57 8.87
CA THR A 345 8.55 -2.78 10.02
C THR A 345 9.02 -4.01 10.81
N ALA A 346 9.23 -5.11 10.09
CA ALA A 346 9.67 -6.34 10.74
C ALA A 346 10.94 -6.16 11.57
N VAL A 347 11.98 -5.62 10.95
CA VAL A 347 13.24 -5.41 11.66
C VAL A 347 13.04 -4.55 12.91
N ILE A 348 12.34 -3.44 12.76
CA ILE A 348 12.12 -2.56 13.90
C ILE A 348 11.37 -3.23 15.05
N ASN A 349 10.28 -3.94 14.74
CA ASN A 349 9.51 -4.60 15.78
C ASN A 349 10.31 -5.73 16.45
N ALA A 350 11.00 -6.53 15.63
CA ALA A 350 11.77 -7.61 16.18
C ALA A 350 12.88 -7.01 17.04
N ALA A 351 13.47 -5.91 16.57
CA ALA A 351 14.54 -5.23 17.28
C ALA A 351 14.07 -4.60 18.57
N SER A 352 12.91 -3.94 18.52
CA SER A 352 12.34 -3.29 19.69
C SER A 352 11.78 -4.30 20.68
N GLY A 353 11.47 -5.50 20.21
CA GLY A 353 10.93 -6.51 21.09
C GLY A 353 9.41 -6.63 20.98
N ARG A 354 8.78 -5.65 20.34
CA ARG A 354 7.33 -5.67 20.17
C ARG A 354 6.88 -6.98 19.55
N GLN A 355 7.74 -7.58 18.74
CA GLN A 355 7.42 -8.84 18.09
C GLN A 355 8.59 -9.81 18.07
N THR A 356 8.26 -11.09 17.86
CA THR A 356 9.29 -12.11 17.78
C THR A 356 9.72 -12.13 16.31
N VAL A 357 10.90 -12.64 16.04
CA VAL A 357 11.40 -12.71 14.68
C VAL A 357 10.38 -13.41 13.78
N ASP A 358 9.98 -14.61 14.17
CA ASP A 358 9.00 -15.36 13.40
C ASP A 358 7.75 -14.52 13.19
N ALA A 359 7.29 -13.89 14.26
CA ALA A 359 6.11 -13.05 14.22
C ALA A 359 6.28 -11.90 13.23
N ALA A 360 7.40 -11.20 13.37
CA ALA A 360 7.73 -10.04 12.53
C ALA A 360 7.90 -10.35 11.05
N LEU A 361 8.62 -11.44 10.75
CA LEU A 361 8.84 -11.84 9.36
C LEU A 361 7.57 -12.34 8.70
N ALA A 362 6.80 -13.15 9.44
CA ALA A 362 5.55 -13.70 8.92
C ALA A 362 4.66 -12.58 8.39
N ALA A 363 4.59 -11.49 9.14
CA ALA A 363 3.77 -10.36 8.74
C ALA A 363 4.39 -9.66 7.53
N ALA A 364 5.71 -9.52 7.57
CA ALA A 364 6.45 -8.86 6.50
C ALA A 364 6.19 -9.65 5.22
N GLN A 365 6.27 -10.96 5.34
CA GLN A 365 6.01 -11.87 4.22
C GLN A 365 4.68 -11.48 3.58
N THR A 366 3.64 -11.36 4.40
CA THR A 366 2.32 -11.00 3.89
C THR A 366 2.25 -9.59 3.28
N ASN A 367 2.85 -8.62 3.94
CA ASN A 367 2.83 -7.25 3.44
C ASN A 367 3.58 -7.08 2.12
N ALA A 368 4.65 -7.84 1.94
CA ALA A 368 5.44 -7.77 0.73
C ALA A 368 4.69 -8.28 -0.49
N ALA A 369 3.89 -9.32 -0.31
CA ALA A 369 3.12 -9.91 -1.40
C ALA A 369 1.73 -9.31 -1.56
N ALA A 370 1.24 -8.69 -0.49
CA ALA A 370 -0.08 -8.09 -0.49
C ALA A 370 -0.37 -7.17 -1.68
N GLY A 371 -1.55 -7.38 -2.28
CA GLY A 371 -1.97 -6.55 -3.40
C GLY A 371 -2.78 -5.42 -2.79
N LEU A 372 -3.94 -5.79 -2.27
CA LEU A 372 -4.85 -4.86 -1.62
C LEU A 372 -4.40 -4.77 -0.16
N VAL A 373 -4.18 -3.57 0.34
CA VAL A 373 -3.73 -3.40 1.72
C VAL A 373 -4.62 -2.46 2.54
N LEU A 374 -4.27 -2.27 3.80
CA LEU A 374 -5.03 -1.40 4.70
C LEU A 374 -4.60 0.06 4.59
N LYS A 375 -5.32 0.82 3.77
CA LYS A 375 -5.02 2.23 3.55
C LYS A 375 -5.26 3.09 4.79
N GLY A 376 -6.06 2.59 5.73
CA GLY A 376 -6.35 3.35 6.93
C GLY A 376 -7.54 2.84 7.74
N THR A 377 -7.81 3.51 8.85
CA THR A 377 -8.91 3.16 9.73
C THR A 377 -9.64 4.40 10.20
N MET A 378 -10.96 4.33 10.26
CA MET A 378 -11.76 5.46 10.73
C MET A 378 -12.45 4.99 12.01
N ARG A 379 -12.20 5.73 13.09
CA ARG A 379 -12.75 5.38 14.40
C ARG A 379 -13.64 6.44 15.01
N ALA A 380 -14.77 6.01 15.56
CA ALA A 380 -15.72 6.91 16.21
C ALA A 380 -16.87 6.09 16.79
N HIS A 381 -17.35 5.13 16.03
CA HIS A 381 -18.44 4.29 16.51
C HIS A 381 -17.99 3.56 17.76
N THR A 382 -18.90 3.42 18.71
CA THR A 382 -18.60 2.76 19.97
C THR A 382 -19.14 1.34 19.99
N ASP A 383 -19.68 0.90 18.86
CA ASP A 383 -20.23 -0.43 18.74
C ASP A 383 -20.16 -0.84 17.27
N MET A 384 -20.51 -2.09 17.02
CA MET A 384 -20.52 -2.68 15.68
C MET A 384 -20.97 -1.76 14.56
N VAL A 385 -20.19 -1.71 13.48
CA VAL A 385 -20.52 -0.91 12.32
C VAL A 385 -21.33 -1.82 11.40
N THR A 386 -22.63 -1.55 11.30
CA THR A 386 -23.55 -2.37 10.51
C THR A 386 -23.69 -2.12 9.01
N ALA A 387 -23.37 -0.90 8.57
CA ALA A 387 -23.51 -0.59 7.15
C ALA A 387 -22.66 0.60 6.73
N ILE A 388 -22.36 0.66 5.43
CA ILE A 388 -21.55 1.73 4.87
C ILE A 388 -22.08 2.14 3.50
N ALA A 389 -22.25 3.45 3.31
CA ALA A 389 -22.75 3.98 2.05
C ALA A 389 -21.72 4.93 1.46
N THR A 390 -21.51 4.82 0.14
CA THR A 390 -20.55 5.69 -0.53
C THR A 390 -21.23 6.53 -1.59
N PRO A 391 -20.84 7.81 -1.68
CA PRO A 391 -21.42 8.75 -2.64
C PRO A 391 -21.23 8.27 -4.09
N ILE A 392 -22.30 8.42 -4.86
CA ILE A 392 -22.29 8.03 -6.26
C ILE A 392 -21.31 8.89 -7.04
N ASP A 393 -21.30 10.20 -6.75
CA ASP A 393 -20.39 11.11 -7.44
C ASP A 393 -18.96 10.96 -6.93
N ASN A 394 -18.71 9.91 -6.16
CA ASN A 394 -17.37 9.64 -5.66
C ASN A 394 -16.77 10.77 -4.81
N ALA A 395 -17.61 11.58 -4.17
CA ALA A 395 -17.14 12.68 -3.34
C ALA A 395 -16.34 12.21 -2.13
N ASP A 396 -15.64 13.14 -1.48
CA ASP A 396 -14.80 12.80 -0.33
C ASP A 396 -15.50 12.67 1.03
N ILE A 397 -16.53 11.83 1.08
CA ILE A 397 -17.27 11.56 2.31
C ILE A 397 -17.99 10.23 2.18
N ILE A 398 -18.23 9.57 3.32
CA ILE A 398 -18.98 8.32 3.33
C ILE A 398 -19.86 8.40 4.58
N VAL A 399 -20.81 7.46 4.67
CA VAL A 399 -21.70 7.41 5.82
C VAL A 399 -21.74 5.99 6.37
N SER A 400 -21.75 5.89 7.69
CA SER A 400 -21.79 4.59 8.33
C SER A 400 -22.95 4.46 9.30
N ALA A 401 -23.36 3.22 9.55
CA ALA A 401 -24.45 2.90 10.46
C ALA A 401 -23.86 1.98 11.50
N SER A 402 -24.30 2.12 12.74
CA SER A 402 -23.75 1.30 13.81
C SER A 402 -24.80 0.90 14.84
N ARG A 403 -24.46 -0.10 15.63
CA ARG A 403 -25.33 -0.56 16.70
C ARG A 403 -25.26 0.44 17.87
N ASP A 404 -24.42 1.47 17.75
CA ASP A 404 -24.32 2.44 18.83
C ASP A 404 -25.50 3.39 18.71
N LYS A 405 -26.37 3.07 17.75
CA LYS A 405 -27.63 3.78 17.45
C LYS A 405 -27.50 5.07 16.63
N SER A 406 -26.35 5.29 15.99
CA SER A 406 -26.17 6.50 15.20
C SER A 406 -25.61 6.19 13.82
N ILE A 407 -25.58 7.22 12.98
CA ILE A 407 -24.94 7.08 11.68
C ILE A 407 -23.92 8.22 11.73
N ILE A 408 -22.82 8.08 11.00
CA ILE A 408 -21.81 9.14 11.01
C ILE A 408 -21.44 9.58 9.60
N LEU A 409 -21.35 10.88 9.42
CA LEU A 409 -20.92 11.44 8.14
C LEU A 409 -19.41 11.59 8.29
N TRP A 410 -18.64 10.88 7.48
CA TRP A 410 -17.21 10.98 7.57
C TRP A 410 -16.64 11.92 6.52
N LYS A 411 -15.67 12.74 6.93
CA LYS A 411 -15.00 13.65 6.01
C LYS A 411 -13.67 12.96 5.71
N LEU A 412 -13.50 12.49 4.47
CA LEU A 412 -12.28 11.80 4.08
C LEU A 412 -11.09 12.76 3.99
N THR A 413 -10.26 12.78 5.02
CA THR A 413 -9.08 13.66 5.06
C THR A 413 -7.85 13.00 4.45
N LYS A 414 -7.58 11.75 4.84
CA LYS A 414 -6.45 10.97 4.34
C LYS A 414 -5.13 11.46 4.92
N ASP A 415 -5.14 12.67 5.47
CA ASP A 415 -3.97 13.28 6.09
C ASP A 415 -3.40 12.33 7.14
N ASP A 416 -2.07 12.27 7.23
CA ASP A 416 -1.37 11.40 8.17
C ASP A 416 -2.20 10.98 9.38
N LYS A 417 -2.95 11.92 9.95
CA LYS A 417 -3.79 11.65 11.11
C LYS A 417 -4.65 10.40 10.92
N ALA A 418 -5.64 10.50 10.04
CA ALA A 418 -6.54 9.37 9.77
C ALA A 418 -7.10 9.48 8.35
N TYR A 419 -7.68 8.40 7.86
CA TYR A 419 -8.25 8.40 6.51
C TYR A 419 -9.45 9.33 6.47
N GLY A 420 -10.12 9.48 7.61
CA GLY A 420 -11.28 10.35 7.69
C GLY A 420 -11.67 10.67 9.13
N VAL A 421 -12.48 11.71 9.31
CA VAL A 421 -12.91 12.12 10.64
C VAL A 421 -14.43 12.27 10.73
N ALA A 422 -14.98 11.94 11.90
CA ALA A 422 -16.41 12.06 12.14
C ALA A 422 -16.82 13.52 12.02
N GLN A 423 -17.34 13.90 10.85
CA GLN A 423 -17.77 15.28 10.63
C GLN A 423 -19.07 15.60 11.36
N ARG A 424 -19.93 14.60 11.50
CA ARG A 424 -21.20 14.80 12.19
C ARG A 424 -21.82 13.47 12.58
N ARG A 425 -22.19 13.35 13.86
CA ARG A 425 -22.81 12.14 14.33
C ARG A 425 -24.29 12.46 14.39
N LEU A 426 -25.11 11.60 13.79
CA LEU A 426 -26.55 11.82 13.75
C LEU A 426 -27.26 10.78 14.61
N THR A 427 -27.96 11.24 15.63
CA THR A 427 -28.67 10.32 16.51
C THR A 427 -30.18 10.56 16.39
N GLY A 428 -30.96 9.55 16.73
CA GLY A 428 -32.40 9.66 16.62
C GLY A 428 -33.13 8.34 16.81
N HIS A 429 -32.55 7.26 16.29
CA HIS A 429 -33.17 5.95 16.44
C HIS A 429 -33.04 5.54 17.91
N SER A 430 -34.00 4.75 18.39
CA SER A 430 -33.97 4.28 19.77
C SER A 430 -33.37 2.87 19.92
N HIS A 431 -32.83 2.34 18.83
CA HIS A 431 -32.22 1.02 18.86
C HIS A 431 -31.11 1.01 17.81
N PHE A 432 -30.43 -0.12 17.63
CA PHE A 432 -29.35 -0.26 16.65
C PHE A 432 -29.74 0.20 15.25
N VAL A 433 -28.87 0.94 14.57
CA VAL A 433 -29.14 1.31 13.19
C VAL A 433 -28.52 0.12 12.45
N GLU A 434 -29.30 -0.51 11.59
CA GLU A 434 -28.84 -1.71 10.89
C GLU A 434 -28.34 -1.46 9.48
N ASP A 435 -28.87 -0.42 8.84
CA ASP A 435 -28.50 -0.14 7.46
C ASP A 435 -28.64 1.35 7.12
N VAL A 436 -27.80 1.82 6.21
CA VAL A 436 -27.86 3.21 5.77
C VAL A 436 -27.55 3.33 4.29
N VAL A 437 -28.14 4.33 3.65
CA VAL A 437 -27.95 4.56 2.23
C VAL A 437 -27.92 6.07 1.93
N LEU A 438 -27.26 6.45 0.84
CA LEU A 438 -27.21 7.86 0.47
C LEU A 438 -28.14 8.17 -0.69
N SER A 439 -28.50 9.44 -0.80
CA SER A 439 -29.35 9.90 -1.88
C SER A 439 -28.41 10.20 -3.07
N SER A 440 -28.98 10.39 -4.25
CA SER A 440 -28.18 10.71 -5.44
C SER A 440 -27.35 11.95 -5.16
N ASP A 441 -27.99 12.95 -4.52
CA ASP A 441 -27.34 14.20 -4.16
C ASP A 441 -26.11 13.94 -3.31
N GLY A 442 -26.19 12.89 -2.50
CA GLY A 442 -25.12 12.58 -1.57
C GLY A 442 -25.38 13.56 -0.43
N GLN A 443 -26.55 14.19 -0.48
CA GLN A 443 -26.98 15.18 0.51
C GLN A 443 -27.86 14.62 1.64
N PHE A 444 -28.40 13.42 1.43
CA PHE A 444 -29.27 12.84 2.42
C PHE A 444 -28.97 11.38 2.65
N ALA A 445 -29.23 10.93 3.86
CA ALA A 445 -29.02 9.55 4.20
C ALA A 445 -30.39 8.98 4.60
N LEU A 446 -30.59 7.70 4.30
CA LEU A 446 -31.81 6.99 4.63
C LEU A 446 -31.37 5.81 5.48
N SER A 447 -31.90 5.70 6.69
CA SER A 447 -31.51 4.61 7.57
C SER A 447 -32.66 3.71 8.01
N GLY A 448 -32.29 2.52 8.47
CA GLY A 448 -33.24 1.55 8.97
C GLY A 448 -32.72 0.96 10.28
N SER A 449 -33.55 0.94 11.32
CA SER A 449 -33.08 0.39 12.59
C SER A 449 -34.03 -0.57 13.29
N TRP A 450 -33.50 -1.27 14.28
CA TRP A 450 -34.26 -2.23 15.06
C TRP A 450 -35.37 -1.58 15.87
N ASP A 451 -35.58 -0.28 15.71
CA ASP A 451 -36.65 0.35 16.46
C ASP A 451 -37.89 0.30 15.57
N GLY A 452 -37.75 -0.43 14.46
CA GLY A 452 -38.84 -0.60 13.52
C GLY A 452 -39.11 0.55 12.56
N GLU A 453 -38.30 1.59 12.62
CA GLU A 453 -38.54 2.73 11.75
C GLU A 453 -37.39 3.08 10.79
N LEU A 454 -37.70 3.90 9.81
CA LEU A 454 -36.70 4.37 8.87
C LEU A 454 -36.62 5.87 9.09
N ARG A 455 -35.48 6.46 8.79
CA ARG A 455 -35.32 7.89 8.92
C ARG A 455 -34.57 8.50 7.73
N LEU A 456 -35.05 9.66 7.30
CA LEU A 456 -34.41 10.42 6.23
C LEU A 456 -33.59 11.43 7.01
N TRP A 457 -32.36 11.67 6.56
CA TRP A 457 -31.51 12.61 7.27
C TRP A 457 -30.98 13.70 6.36
N ASP A 458 -30.99 14.93 6.84
CA ASP A 458 -30.42 16.04 6.06
C ASP A 458 -28.99 16.13 6.62
N LEU A 459 -28.06 15.50 5.92
CA LEU A 459 -26.66 15.45 6.33
C LEU A 459 -26.03 16.80 6.68
N ALA A 460 -26.32 17.82 5.88
CA ALA A 460 -25.80 19.17 6.11
C ALA A 460 -26.32 19.80 7.41
N ALA A 461 -27.64 19.77 7.61
CA ALA A 461 -28.25 20.36 8.80
C ALA A 461 -28.10 19.46 10.01
N GLY A 462 -27.66 18.23 9.78
CA GLY A 462 -27.50 17.29 10.86
C GLY A 462 -28.76 16.79 11.57
N VAL A 463 -29.91 16.85 10.92
CA VAL A 463 -31.13 16.39 11.58
C VAL A 463 -31.91 15.37 10.78
N SER A 464 -32.72 14.60 11.50
CA SER A 464 -33.57 13.59 10.90
C SER A 464 -34.71 14.42 10.32
N THR A 465 -35.12 14.15 9.09
CA THR A 465 -36.19 14.94 8.50
C THR A 465 -37.50 14.16 8.32
N ARG A 466 -37.49 12.88 8.66
CA ARG A 466 -38.69 12.08 8.48
C ARG A 466 -38.60 10.69 9.06
N ARG A 467 -39.64 10.29 9.80
CA ARG A 467 -39.70 8.94 10.35
C ARG A 467 -40.67 8.17 9.47
N PHE A 468 -40.36 6.91 9.21
CA PHE A 468 -41.23 6.06 8.40
C PHE A 468 -41.76 5.01 9.38
N VAL A 469 -42.96 5.28 9.89
CA VAL A 469 -43.60 4.39 10.86
C VAL A 469 -44.64 3.50 10.19
N GLY A 470 -44.37 2.20 10.19
CA GLY A 470 -45.28 1.25 9.57
C GLY A 470 -44.98 -0.17 10.00
N HIS A 471 -43.75 -0.60 9.80
CA HIS A 471 -43.33 -1.92 10.20
C HIS A 471 -43.64 -2.15 11.67
N THR A 472 -43.83 -3.40 12.07
CA THR A 472 -44.14 -3.71 13.45
C THR A 472 -42.97 -4.36 14.15
N LYS A 473 -41.90 -4.57 13.40
CA LYS A 473 -40.70 -5.16 13.96
C LYS A 473 -39.43 -4.51 13.40
N ASP A 474 -38.28 -4.93 13.92
CA ASP A 474 -37.00 -4.41 13.50
C ASP A 474 -36.88 -4.24 11.99
N VAL A 475 -36.32 -3.11 11.56
CA VAL A 475 -36.10 -2.89 10.13
C VAL A 475 -34.67 -3.35 9.89
N LEU A 476 -34.47 -4.23 8.91
CA LEU A 476 -33.14 -4.74 8.62
C LEU A 476 -32.46 -4.22 7.34
N SER A 477 -33.21 -3.54 6.48
CA SER A 477 -32.62 -3.05 5.23
C SER A 477 -33.45 -1.93 4.60
N VAL A 478 -32.79 -1.04 3.90
CA VAL A 478 -33.48 0.08 3.26
C VAL A 478 -32.81 0.40 1.93
N ALA A 479 -33.58 0.91 0.99
CA ALA A 479 -33.02 1.24 -0.30
C ALA A 479 -33.79 2.36 -0.98
N PHE A 480 -33.08 3.12 -1.79
CA PHE A 480 -33.61 4.26 -2.54
C PHE A 480 -33.81 3.84 -3.98
N SER A 481 -34.93 4.23 -4.58
CA SER A 481 -35.12 3.88 -5.97
C SER A 481 -34.08 4.71 -6.73
N LEU A 482 -33.76 4.29 -7.93
CA LEU A 482 -32.80 4.99 -8.76
C LEU A 482 -33.07 6.50 -8.84
N ASP A 483 -34.34 6.88 -9.02
CA ASP A 483 -34.70 8.30 -9.10
C ASP A 483 -34.99 8.90 -7.72
N ASN A 484 -34.69 8.13 -6.67
CA ASN A 484 -34.88 8.54 -5.29
C ASN A 484 -36.30 8.99 -4.92
N ARG A 485 -37.29 8.60 -5.70
CA ARG A 485 -38.68 9.00 -5.42
C ARG A 485 -39.44 7.92 -4.66
N GLN A 486 -38.84 6.74 -4.56
CA GLN A 486 -39.47 5.65 -3.85
C GLN A 486 -38.48 4.99 -2.90
N ILE A 487 -39.00 4.61 -1.73
CA ILE A 487 -38.19 3.99 -0.71
C ILE A 487 -38.72 2.61 -0.36
N VAL A 488 -37.81 1.65 -0.21
CA VAL A 488 -38.20 0.29 0.12
C VAL A 488 -37.47 -0.15 1.37
N SER A 489 -38.11 -1.01 2.16
CA SER A 489 -37.52 -1.50 3.40
C SER A 489 -37.89 -2.95 3.65
N ALA A 490 -37.04 -3.64 4.41
CA ALA A 490 -37.26 -5.04 4.76
C ALA A 490 -37.32 -5.12 6.29
N SER A 491 -38.20 -5.97 6.81
CA SER A 491 -38.36 -6.10 8.26
C SER A 491 -38.40 -7.53 8.78
N ARG A 492 -38.19 -7.66 10.09
CA ARG A 492 -38.24 -8.96 10.72
C ARG A 492 -39.73 -9.29 10.81
N ASP A 493 -40.58 -8.32 10.49
CA ASP A 493 -42.02 -8.57 10.52
C ASP A 493 -42.44 -9.27 9.22
N ARG A 494 -41.46 -9.85 8.53
CA ARG A 494 -41.67 -10.62 7.31
C ARG A 494 -42.21 -9.88 6.09
N THR A 495 -42.19 -8.55 6.11
CA THR A 495 -42.70 -7.81 4.96
C THR A 495 -41.70 -6.86 4.31
N ILE A 496 -42.05 -6.44 3.11
CA ILE A 496 -41.26 -5.48 2.36
C ILE A 496 -42.20 -4.30 2.15
N LYS A 497 -41.76 -3.09 2.48
CA LYS A 497 -42.63 -1.94 2.29
C LYS A 497 -42.11 -0.89 1.34
N LEU A 498 -43.04 -0.27 0.61
CA LEU A 498 -42.77 0.78 -0.34
C LEU A 498 -43.27 2.08 0.24
N TRP A 499 -42.44 3.11 0.19
CA TRP A 499 -42.84 4.39 0.74
C TRP A 499 -42.51 5.51 -0.21
N ASN A 500 -43.20 6.63 -0.04
CA ASN A 500 -42.88 7.81 -0.83
C ASN A 500 -41.90 8.55 0.08
N THR A 501 -41.59 9.80 -0.24
CA THR A 501 -40.64 10.53 0.57
C THR A 501 -41.28 11.22 1.78
N LEU A 502 -42.61 11.23 1.81
CA LEU A 502 -43.33 11.85 2.92
C LEU A 502 -43.65 10.89 4.06
N GLY A 503 -43.06 9.70 4.05
CA GLY A 503 -43.29 8.75 5.11
C GLY A 503 -44.55 7.88 5.07
N GLU A 504 -45.25 7.85 3.95
CA GLU A 504 -46.45 7.02 3.87
C GLU A 504 -46.16 5.71 3.17
N CYS A 505 -46.68 4.62 3.73
CA CYS A 505 -46.48 3.32 3.12
C CYS A 505 -47.42 3.26 1.91
N LYS A 506 -46.85 3.16 0.71
CA LYS A 506 -47.66 3.10 -0.50
C LYS A 506 -48.04 1.66 -0.85
N TYR A 507 -47.28 0.70 -0.34
CA TYR A 507 -47.56 -0.70 -0.63
C TYR A 507 -46.79 -1.65 0.29
N THR A 508 -47.41 -2.76 0.65
CA THR A 508 -46.79 -3.77 1.52
C THR A 508 -46.88 -5.18 0.94
N ILE A 509 -45.72 -5.79 0.70
CA ILE A 509 -45.68 -7.15 0.18
C ILE A 509 -45.81 -8.08 1.37
N SER A 510 -47.06 -8.26 1.81
CA SER A 510 -47.38 -9.09 2.97
C SER A 510 -46.76 -10.47 2.99
N GLU A 511 -46.71 -11.05 4.19
CA GLU A 511 -46.15 -12.38 4.44
C GLU A 511 -46.85 -13.46 3.60
N GLY A 512 -47.84 -13.04 2.82
CA GLY A 512 -48.59 -13.98 1.99
C GLY A 512 -47.73 -15.00 1.26
N GLY A 513 -48.38 -16.06 0.75
CA GLY A 513 -47.67 -17.10 0.03
C GLY A 513 -46.74 -16.57 -1.06
N GLU A 514 -47.10 -15.41 -1.61
CA GLU A 514 -46.28 -14.81 -2.65
C GLU A 514 -44.99 -14.24 -2.01
N GLY A 515 -45.15 -13.58 -0.87
CA GLY A 515 -44.02 -13.01 -0.18
C GLY A 515 -43.18 -14.00 0.59
N HIS A 516 -42.37 -13.47 1.52
CA HIS A 516 -41.50 -14.31 2.35
C HIS A 516 -42.25 -14.88 3.53
N ARG A 517 -41.73 -15.99 4.07
CA ARG A 517 -42.35 -16.64 5.21
C ARG A 517 -41.55 -16.43 6.49
N ASP A 518 -40.43 -15.72 6.39
CA ASP A 518 -39.60 -15.40 7.57
C ASP A 518 -39.05 -13.97 7.45
N TRP A 519 -38.05 -13.65 8.26
CA TRP A 519 -37.46 -12.32 8.25
C TRP A 519 -36.91 -11.93 6.89
N VAL A 520 -37.16 -10.70 6.50
CA VAL A 520 -36.61 -10.21 5.24
C VAL A 520 -35.38 -9.47 5.76
N SER A 521 -34.21 -9.94 5.36
CA SER A 521 -32.96 -9.35 5.83
C SER A 521 -32.35 -8.31 4.88
N CYS A 522 -32.77 -8.31 3.63
CA CYS A 522 -32.18 -7.38 2.69
C CYS A 522 -33.04 -7.10 1.45
N VAL A 523 -32.94 -5.88 0.94
CA VAL A 523 -33.67 -5.49 -0.26
C VAL A 523 -32.84 -4.48 -1.03
N ARG A 524 -32.64 -4.75 -2.30
CA ARG A 524 -31.85 -3.87 -3.14
C ARG A 524 -32.48 -3.67 -4.53
N PHE A 525 -32.29 -2.48 -5.08
CA PHE A 525 -32.82 -2.15 -6.40
C PHE A 525 -31.85 -2.61 -7.48
N SER A 526 -32.37 -3.12 -8.59
CA SER A 526 -31.52 -3.51 -9.69
C SER A 526 -31.34 -2.25 -10.52
N PRO A 527 -30.09 -1.94 -10.93
CA PRO A 527 -29.81 -0.74 -11.72
C PRO A 527 -30.57 -0.65 -13.04
N ASN A 528 -31.09 -1.77 -13.53
CA ASN A 528 -31.80 -1.79 -14.80
C ASN A 528 -33.12 -1.03 -14.77
N THR A 529 -33.16 0.07 -15.53
CA THR A 529 -34.33 0.92 -15.62
C THR A 529 -35.39 0.37 -16.58
N LEU A 530 -35.03 -0.66 -17.34
CA LEU A 530 -35.95 -1.26 -18.30
C LEU A 530 -37.06 -2.05 -17.59
N GLN A 531 -36.65 -2.87 -16.63
CA GLN A 531 -37.62 -3.66 -15.87
C GLN A 531 -37.43 -3.37 -14.39
N PRO A 532 -38.10 -2.31 -13.89
CA PRO A 532 -37.99 -1.93 -12.47
C PRO A 532 -38.15 -3.12 -11.55
N THR A 533 -37.07 -3.49 -10.85
CA THR A 533 -37.11 -4.63 -9.96
C THR A 533 -36.24 -4.51 -8.72
N ILE A 534 -36.62 -5.25 -7.69
CA ILE A 534 -35.89 -5.30 -6.44
C ILE A 534 -35.76 -6.76 -6.03
N VAL A 535 -34.64 -7.10 -5.39
CA VAL A 535 -34.42 -8.47 -4.94
C VAL A 535 -34.43 -8.45 -3.42
N SER A 536 -34.79 -9.57 -2.80
CA SER A 536 -34.85 -9.60 -1.34
C SER A 536 -34.32 -10.89 -0.71
N ALA A 537 -33.52 -10.73 0.35
CA ALA A 537 -32.96 -11.87 1.06
C ALA A 537 -33.91 -12.16 2.21
N SER A 538 -33.92 -13.40 2.69
CA SER A 538 -34.81 -13.75 3.78
C SER A 538 -34.33 -14.94 4.57
N TRP A 539 -34.76 -15.03 5.83
CA TRP A 539 -34.36 -16.15 6.66
C TRP A 539 -35.18 -17.37 6.28
N ASP A 540 -36.03 -17.20 5.28
CA ASP A 540 -36.85 -18.31 4.79
C ASP A 540 -35.99 -19.01 3.74
N LYS A 541 -34.70 -18.71 3.78
CA LYS A 541 -33.71 -19.32 2.88
C LYS A 541 -33.87 -19.00 1.41
N THR A 542 -34.86 -18.18 1.08
CA THR A 542 -35.06 -17.86 -0.33
C THR A 542 -34.62 -16.45 -0.68
N VAL A 543 -34.70 -16.16 -1.97
CA VAL A 543 -34.38 -14.85 -2.52
C VAL A 543 -35.53 -14.61 -3.47
N LYS A 544 -36.05 -13.39 -3.51
CA LYS A 544 -37.17 -13.08 -4.39
C LYS A 544 -36.90 -11.83 -5.23
N VAL A 545 -37.32 -11.89 -6.50
CA VAL A 545 -37.15 -10.79 -7.43
C VAL A 545 -38.52 -10.21 -7.66
N TRP A 546 -38.63 -8.89 -7.65
CA TRP A 546 -39.93 -8.25 -7.81
C TRP A 546 -40.03 -7.20 -8.89
N ASN A 547 -41.20 -7.13 -9.50
CA ASN A 547 -41.49 -6.14 -10.52
C ASN A 547 -41.91 -4.91 -9.71
N LEU A 548 -41.17 -3.80 -9.85
CA LEU A 548 -41.48 -2.59 -9.10
C LEU A 548 -42.72 -1.86 -9.61
N SER A 549 -43.13 -2.18 -10.82
CA SER A 549 -44.29 -1.54 -11.43
C SER A 549 -45.58 -2.00 -10.76
N ASN A 550 -45.80 -3.31 -10.74
CA ASN A 550 -47.01 -3.88 -10.15
C ASN A 550 -46.74 -4.56 -8.80
N CYS A 551 -45.49 -4.54 -8.37
CA CYS A 551 -45.12 -5.16 -7.11
C CYS A 551 -45.45 -6.66 -7.10
N LYS A 552 -45.57 -7.25 -8.28
CA LYS A 552 -45.88 -8.67 -8.39
C LYS A 552 -44.61 -9.50 -8.34
N LEU A 553 -44.69 -10.68 -7.71
CA LEU A 553 -43.55 -11.57 -7.60
C LEU A 553 -43.06 -12.09 -8.94
N ARG A 554 -41.81 -11.80 -9.28
CA ARG A 554 -41.24 -12.29 -10.54
C ARG A 554 -40.89 -13.76 -10.38
N SER A 555 -39.99 -14.02 -9.42
CA SER A 555 -39.51 -15.36 -9.17
C SER A 555 -38.90 -15.51 -7.78
N THR A 556 -38.92 -16.75 -7.30
CA THR A 556 -38.35 -17.11 -6.00
C THR A 556 -37.10 -17.91 -6.32
N LEU A 557 -35.96 -17.50 -5.76
CA LEU A 557 -34.70 -18.21 -5.99
C LEU A 557 -34.29 -19.04 -4.78
N ALA A 558 -34.40 -20.36 -4.93
CA ALA A 558 -34.02 -21.29 -3.88
C ALA A 558 -32.66 -21.87 -4.23
N GLY A 559 -31.86 -22.17 -3.22
CA GLY A 559 -30.54 -22.72 -3.45
C GLY A 559 -29.69 -22.65 -2.19
N HIS A 560 -30.24 -22.03 -1.15
CA HIS A 560 -29.55 -21.91 0.11
C HIS A 560 -30.18 -22.85 1.11
N THR A 561 -29.35 -23.42 1.98
CA THR A 561 -29.82 -24.36 3.00
C THR A 561 -30.01 -23.64 4.33
N GLY A 562 -29.66 -22.36 4.36
CA GLY A 562 -29.81 -21.58 5.57
C GLY A 562 -30.34 -20.21 5.22
N TYR A 563 -30.41 -19.34 6.22
CA TYR A 563 -30.90 -18.00 5.99
C TYR A 563 -29.98 -17.21 5.07
N VAL A 564 -30.58 -16.34 4.28
CA VAL A 564 -29.84 -15.48 3.37
C VAL A 564 -29.91 -14.12 4.06
N SER A 565 -28.76 -13.61 4.49
CA SER A 565 -28.73 -12.34 5.19
C SER A 565 -28.38 -11.17 4.30
N THR A 566 -27.93 -11.46 3.09
CA THR A 566 -27.54 -10.41 2.16
C THR A 566 -27.68 -10.74 0.68
N VAL A 567 -27.87 -9.70 -0.12
CA VAL A 567 -28.01 -9.83 -1.56
C VAL A 567 -27.40 -8.60 -2.21
N ALA A 568 -26.63 -8.81 -3.26
CA ALA A 568 -26.01 -7.71 -3.98
C ALA A 568 -26.35 -7.86 -5.46
N VAL A 569 -26.44 -6.73 -6.15
CA VAL A 569 -26.77 -6.72 -7.56
C VAL A 569 -25.66 -6.08 -8.37
N SER A 570 -25.23 -6.77 -9.41
CA SER A 570 -24.17 -6.26 -10.27
C SER A 570 -24.55 -4.88 -10.76
N PRO A 571 -23.57 -4.04 -11.09
CA PRO A 571 -23.86 -2.68 -11.56
C PRO A 571 -24.68 -2.64 -12.86
N ASP A 572 -24.67 -3.72 -13.61
CA ASP A 572 -25.41 -3.77 -14.87
C ASP A 572 -26.80 -4.37 -14.68
N GLY A 573 -27.01 -5.01 -13.54
CA GLY A 573 -28.31 -5.59 -13.25
C GLY A 573 -28.55 -6.97 -13.84
N SER A 574 -27.48 -7.65 -14.24
CA SER A 574 -27.60 -8.99 -14.83
C SER A 574 -27.36 -10.10 -13.82
N LEU A 575 -26.42 -9.88 -12.91
CA LEU A 575 -26.07 -10.85 -11.89
C LEU A 575 -26.62 -10.46 -10.53
N CYS A 576 -26.59 -11.40 -9.59
CA CYS A 576 -27.06 -11.17 -8.25
C CYS A 576 -26.42 -12.21 -7.35
N ALA A 577 -25.73 -11.73 -6.33
CA ALA A 577 -25.07 -12.61 -5.38
C ALA A 577 -25.89 -12.68 -4.11
N SER A 578 -26.02 -13.86 -3.54
CA SER A 578 -26.77 -14.03 -2.31
C SER A 578 -25.89 -14.82 -1.33
N GLY A 579 -26.09 -14.59 -0.04
CA GLY A 579 -25.31 -15.29 0.97
C GLY A 579 -25.88 -15.16 2.37
N GLY A 580 -25.48 -16.07 3.25
CA GLY A 580 -25.98 -16.01 4.60
C GLY A 580 -25.36 -17.08 5.45
N LYS A 581 -26.22 -17.82 6.14
CA LYS A 581 -25.82 -18.90 7.05
C LYS A 581 -24.97 -20.01 6.47
N ASP A 582 -25.33 -20.55 5.31
CA ASP A 582 -24.59 -21.68 4.76
C ASP A 582 -23.20 -21.46 4.16
N GLY A 583 -22.65 -20.26 4.33
CA GLY A 583 -21.31 -19.98 3.84
C GLY A 583 -21.02 -19.99 2.35
N VAL A 584 -22.01 -20.33 1.54
CA VAL A 584 -21.85 -20.34 0.08
C VAL A 584 -22.45 -19.09 -0.57
N VAL A 585 -21.76 -18.58 -1.58
CA VAL A 585 -22.25 -17.41 -2.28
C VAL A 585 -22.86 -17.89 -3.60
N LEU A 586 -24.18 -17.73 -3.74
CA LEU A 586 -24.85 -18.17 -4.97
C LEU A 586 -24.98 -16.99 -5.92
N LEU A 587 -24.48 -17.18 -7.13
CA LEU A 587 -24.55 -16.13 -8.14
C LEU A 587 -25.68 -16.47 -9.10
N TRP A 588 -26.65 -15.57 -9.22
CA TRP A 588 -27.80 -15.81 -10.09
C TRP A 588 -27.83 -14.92 -11.34
N ASP A 589 -28.62 -15.36 -12.32
CA ASP A 589 -28.79 -14.63 -13.58
C ASP A 589 -30.13 -13.89 -13.46
N LEU A 590 -30.08 -12.66 -12.95
CA LEU A 590 -31.29 -11.87 -12.77
C LEU A 590 -32.28 -12.05 -13.90
N ALA A 591 -31.83 -11.75 -15.12
CA ALA A 591 -32.68 -11.87 -16.30
C ALA A 591 -33.44 -13.19 -16.35
N GLU A 592 -32.73 -14.29 -16.59
CA GLU A 592 -33.35 -15.60 -16.67
C GLU A 592 -33.96 -16.01 -15.34
N GLY A 593 -33.22 -15.80 -14.25
CA GLY A 593 -33.72 -16.17 -12.94
C GLY A 593 -33.30 -17.57 -12.53
N LYS A 594 -32.06 -17.92 -12.83
CA LYS A 594 -31.54 -19.24 -12.49
C LYS A 594 -30.13 -19.17 -11.93
N LYS A 595 -29.76 -20.22 -11.20
CA LYS A 595 -28.44 -20.32 -10.58
C LYS A 595 -27.36 -20.34 -11.66
N LEU A 596 -26.24 -19.66 -11.40
CA LEU A 596 -25.15 -19.66 -12.35
C LEU A 596 -24.05 -20.55 -11.81
N TYR A 597 -23.74 -20.40 -10.53
CA TYR A 597 -22.70 -21.21 -9.91
C TYR A 597 -22.51 -20.85 -8.45
N SER A 598 -21.69 -21.63 -7.76
CA SER A 598 -21.42 -21.37 -6.36
C SER A 598 -20.05 -20.74 -6.19
N LEU A 599 -19.77 -20.39 -4.95
CA LEU A 599 -18.50 -19.80 -4.53
C LEU A 599 -18.37 -20.07 -3.04
N GLU A 600 -17.67 -21.15 -2.72
CA GLU A 600 -17.48 -21.56 -1.34
C GLU A 600 -16.66 -20.52 -0.57
N ALA A 601 -17.04 -20.29 0.68
CA ALA A 601 -16.36 -19.33 1.54
C ALA A 601 -16.06 -20.00 2.88
N ASN A 602 -16.79 -21.09 3.16
CA ASN A 602 -16.64 -21.86 4.40
C ASN A 602 -16.89 -21.01 5.63
N SER A 603 -17.45 -19.83 5.42
CA SER A 603 -17.70 -18.90 6.50
C SER A 603 -19.03 -18.21 6.27
N VAL A 604 -19.72 -17.89 7.36
CA VAL A 604 -21.01 -17.21 7.27
C VAL A 604 -20.81 -15.83 6.64
N ILE A 605 -21.55 -15.57 5.57
CA ILE A 605 -21.49 -14.30 4.85
C ILE A 605 -22.39 -13.26 5.52
N HIS A 606 -21.92 -12.02 5.61
CA HIS A 606 -22.70 -10.94 6.23
C HIS A 606 -23.03 -9.80 5.27
N ALA A 607 -22.23 -9.67 4.22
CA ALA A 607 -22.47 -8.61 3.25
C ALA A 607 -21.83 -8.97 1.92
N LEU A 608 -22.32 -8.36 0.86
CA LEU A 608 -21.80 -8.59 -0.49
C LEU A 608 -21.78 -7.29 -1.26
N CYS A 609 -21.01 -7.27 -2.33
CA CYS A 609 -20.94 -6.09 -3.19
C CYS A 609 -19.99 -6.39 -4.35
N PHE A 610 -20.37 -5.93 -5.54
CA PHE A 610 -19.53 -6.14 -6.70
C PHE A 610 -18.63 -4.93 -6.82
N SER A 611 -17.52 -5.09 -7.54
CA SER A 611 -16.60 -3.97 -7.73
C SER A 611 -17.19 -3.05 -8.80
N PRO A 612 -16.96 -1.74 -8.67
CA PRO A 612 -17.50 -0.81 -9.68
C PRO A 612 -16.91 -1.08 -11.07
N ASN A 613 -15.64 -1.49 -11.10
CA ASN A 613 -14.96 -1.79 -12.35
C ASN A 613 -14.65 -3.28 -12.53
N ARG A 614 -13.56 -3.74 -11.91
CA ARG A 614 -13.13 -5.14 -12.02
C ARG A 614 -14.24 -6.19 -11.85
N TYR A 615 -14.09 -7.33 -12.53
CA TYR A 615 -15.04 -8.44 -12.45
C TYR A 615 -14.93 -9.09 -11.08
N TRP A 616 -15.05 -8.28 -10.03
CA TRP A 616 -14.93 -8.77 -8.66
C TRP A 616 -16.22 -8.86 -7.84
N LEU A 617 -16.25 -9.84 -6.95
CA LEU A 617 -17.36 -10.04 -6.05
C LEU A 617 -16.73 -10.14 -4.67
N CYS A 618 -17.15 -9.29 -3.75
CA CYS A 618 -16.62 -9.28 -2.40
C CYS A 618 -17.62 -9.78 -1.37
N ALA A 619 -17.13 -10.51 -0.37
CA ALA A 619 -18.01 -11.04 0.66
C ALA A 619 -17.51 -10.80 2.08
N ALA A 620 -18.34 -10.14 2.88
CA ALA A 620 -18.00 -9.87 4.26
C ALA A 620 -18.28 -11.18 5.00
N THR A 621 -17.23 -11.90 5.37
CA THR A 621 -17.42 -13.15 6.12
C THR A 621 -16.72 -13.10 7.47
N GLU A 622 -17.11 -14.00 8.35
CA GLU A 622 -16.54 -14.06 9.68
C GLU A 622 -15.06 -14.45 9.65
N HIS A 623 -14.61 -14.95 8.50
CA HIS A 623 -13.21 -15.34 8.36
C HIS A 623 -12.46 -14.49 7.34
N GLY A 624 -12.76 -13.20 7.31
CA GLY A 624 -12.11 -12.31 6.38
C GLY A 624 -13.00 -11.90 5.22
N ILE A 625 -12.55 -10.94 4.43
CA ILE A 625 -13.29 -10.46 3.28
C ILE A 625 -12.84 -11.24 2.05
N LYS A 626 -13.62 -12.25 1.66
CA LYS A 626 -13.27 -13.08 0.50
C LYS A 626 -13.58 -12.31 -0.79
N ILE A 627 -12.63 -12.30 -1.73
CA ILE A 627 -12.83 -11.60 -3.01
C ILE A 627 -12.54 -12.51 -4.20
N TRP A 628 -13.58 -12.92 -4.91
CA TRP A 628 -13.43 -13.79 -6.07
C TRP A 628 -13.40 -12.99 -7.38
N ASP A 629 -12.82 -13.58 -8.41
CA ASP A 629 -12.80 -12.94 -9.73
C ASP A 629 -13.88 -13.68 -10.50
N LEU A 630 -15.00 -12.99 -10.74
CA LEU A 630 -16.15 -13.57 -11.44
C LEU A 630 -15.85 -14.23 -12.78
N GLU A 631 -14.63 -14.07 -13.25
CA GLU A 631 -14.22 -14.65 -14.52
C GLU A 631 -13.55 -16.02 -14.31
N SER A 632 -12.57 -16.06 -13.41
CA SER A 632 -11.87 -17.28 -13.11
C SER A 632 -12.52 -18.03 -11.96
N LYS A 633 -13.50 -17.40 -11.32
CA LYS A 633 -14.19 -18.01 -10.19
C LYS A 633 -13.15 -18.37 -9.13
N SER A 634 -12.09 -17.57 -9.08
CA SER A 634 -11.01 -17.79 -8.14
C SER A 634 -10.90 -16.65 -7.12
N ILE A 635 -10.41 -16.96 -5.93
CA ILE A 635 -10.23 -15.95 -4.90
C ILE A 635 -8.99 -15.13 -5.24
N VAL A 636 -9.08 -13.81 -5.13
CA VAL A 636 -7.94 -12.96 -5.43
C VAL A 636 -7.48 -12.18 -4.20
N GLU A 637 -8.24 -12.29 -3.11
CA GLU A 637 -7.93 -11.62 -1.84
C GLU A 637 -8.76 -12.21 -0.69
N ASP A 638 -8.15 -12.30 0.48
CA ASP A 638 -8.82 -12.80 1.68
C ASP A 638 -8.23 -12.02 2.86
N LEU A 639 -8.85 -10.86 3.14
CA LEU A 639 -8.41 -9.94 4.18
C LEU A 639 -8.86 -10.25 5.59
N LYS A 640 -7.89 -10.53 6.46
CA LYS A 640 -8.15 -10.81 7.86
C LYS A 640 -7.73 -9.56 8.64
N VAL A 641 -8.02 -9.51 9.93
CA VAL A 641 -7.65 -8.36 10.73
C VAL A 641 -6.48 -8.69 11.66
N ASP A 642 -5.53 -7.75 11.75
CA ASP A 642 -4.36 -7.93 12.61
C ASP A 642 -4.15 -6.70 13.47
N LEU A 643 -4.48 -6.83 14.75
CA LEU A 643 -4.35 -5.73 15.70
C LEU A 643 -2.92 -5.17 15.77
N LYS A 644 -1.94 -5.97 15.34
CA LYS A 644 -0.54 -5.56 15.36
C LYS A 644 -0.13 -4.94 14.01
N LYS A 661 -10.66 -11.96 21.01
CA LYS A 661 -12.02 -11.67 20.56
C LYS A 661 -12.15 -11.85 19.04
N VAL A 662 -13.27 -12.38 18.60
CA VAL A 662 -13.51 -12.60 17.17
C VAL A 662 -13.95 -11.28 16.53
N ILE A 663 -13.17 -10.79 15.58
CA ILE A 663 -13.47 -9.55 14.88
C ILE A 663 -13.69 -9.86 13.41
N TYR A 664 -14.81 -9.40 12.85
CA TYR A 664 -15.06 -9.65 11.43
C TYR A 664 -15.88 -8.55 10.77
N CYS A 665 -15.78 -8.47 9.46
CA CYS A 665 -16.48 -7.48 8.67
C CYS A 665 -17.98 -7.76 8.59
N THR A 666 -18.78 -6.70 8.72
CA THR A 666 -20.24 -6.80 8.70
C THR A 666 -20.83 -6.02 7.55
N SER A 667 -20.02 -5.14 6.98
CA SER A 667 -20.45 -4.31 5.87
C SER A 667 -19.26 -3.84 5.05
N LEU A 668 -19.50 -3.59 3.77
CA LEU A 668 -18.44 -3.14 2.89
C LEU A 668 -19.05 -2.53 1.65
N ASN A 669 -18.39 -1.50 1.13
CA ASN A 669 -18.88 -0.81 -0.05
C ASN A 669 -17.72 -0.09 -0.73
N TRP A 670 -17.67 -0.21 -2.06
CA TRP A 670 -16.61 0.42 -2.85
C TRP A 670 -16.86 1.90 -3.11
N SER A 671 -15.78 2.64 -3.30
CA SER A 671 -15.90 4.06 -3.64
C SER A 671 -16.38 4.04 -5.09
N ALA A 672 -17.07 5.08 -5.51
CA ALA A 672 -17.59 5.13 -6.89
C ALA A 672 -16.55 4.77 -7.96
N ASP A 673 -15.31 5.21 -7.80
CA ASP A 673 -14.29 4.91 -8.80
C ASP A 673 -13.63 3.53 -8.69
N GLY A 674 -14.12 2.70 -7.77
CA GLY A 674 -13.58 1.37 -7.60
C GLY A 674 -12.18 1.30 -6.99
N SER A 675 -11.67 2.43 -6.51
CA SER A 675 -10.33 2.48 -5.93
C SER A 675 -10.23 2.22 -4.43
N THR A 676 -11.34 2.28 -3.71
CA THR A 676 -11.29 2.05 -2.27
C THR A 676 -12.45 1.21 -1.73
N LEU A 677 -12.12 0.27 -0.86
CA LEU A 677 -13.13 -0.57 -0.24
C LEU A 677 -13.25 -0.17 1.23
N PHE A 678 -14.41 0.34 1.60
CA PHE A 678 -14.67 0.74 2.96
C PHE A 678 -15.39 -0.45 3.58
N SER A 679 -15.10 -0.73 4.85
CA SER A 679 -15.71 -1.87 5.49
C SER A 679 -15.83 -1.69 7.00
N GLY A 680 -17.01 -1.99 7.52
CA GLY A 680 -17.24 -1.87 8.95
C GLY A 680 -17.03 -3.20 9.63
N TYR A 681 -16.51 -3.15 10.85
CA TYR A 681 -16.26 -4.35 11.63
C TYR A 681 -17.06 -4.39 12.93
N THR A 682 -17.03 -5.54 13.58
CA THR A 682 -17.75 -5.75 14.83
C THR A 682 -17.15 -4.96 15.99
N ASP A 683 -15.90 -4.56 15.84
CA ASP A 683 -15.25 -3.81 16.91
C ASP A 683 -15.54 -2.31 16.77
N GLY A 684 -16.40 -1.95 15.82
CA GLY A 684 -16.77 -0.57 15.64
C GLY A 684 -15.80 0.25 14.81
N VAL A 685 -14.73 -0.40 14.35
CA VAL A 685 -13.72 0.26 13.54
C VAL A 685 -14.03 0.09 12.05
N ILE A 686 -13.79 1.14 11.29
CA ILE A 686 -14.00 1.10 9.84
C ILE A 686 -12.64 0.97 9.17
N ARG A 687 -12.45 -0.11 8.44
CA ARG A 687 -11.18 -0.35 7.78
C ARG A 687 -11.20 -0.04 6.29
N VAL A 688 -10.24 0.79 5.87
CA VAL A 688 -10.14 1.17 4.46
C VAL A 688 -9.16 0.28 3.71
N TRP A 689 -9.58 -0.23 2.56
CA TRP A 689 -8.71 -1.09 1.76
C TRP A 689 -8.45 -0.50 0.37
N GLY A 690 -7.34 -0.89 -0.26
CA GLY A 690 -7.01 -0.40 -1.59
C GLY A 690 -5.55 -0.54 -1.98
N ILE A 691 -5.23 -0.10 -3.20
CA ILE A 691 -3.85 -0.16 -3.67
C ILE A 691 -3.10 1.05 -3.09
C1 GLC B . 21.24 5.49 0.27
C2 GLC B . 21.08 4.62 -0.98
C3 GLC B . 19.62 4.23 -1.18
C4 GLC B . 19.06 3.60 0.08
C5 GLC B . 19.29 4.53 1.30
C6 GLC B . 18.86 3.85 2.59
O1 GLC B . 20.53 6.67 0.11
O2 GLC B . 21.55 5.31 -2.12
O3 GLC B . 19.52 3.30 -2.26
O4 GLC B . 17.65 3.34 -0.09
O5 GLC B . 20.70 4.81 1.42
O6 GLC B . 18.56 4.81 3.60
C1 GLC B . 17.32 2.01 -0.32
C2 GLC B . 16.32 1.91 -1.45
C3 GLC B . 15.02 2.60 -1.03
C4 GLC B . 14.48 1.87 0.21
C5 GLC B . 15.53 1.91 1.32
C6 GLC B . 15.11 1.07 2.51
O2 GLC B . 16.87 2.54 -2.60
O3 GLC B . 14.07 2.53 -2.09
O4 GLC B . 13.27 2.48 0.67
O5 GLC B . 16.79 1.36 0.84
O6 GLC B . 16.22 0.63 3.28
C1 EDO C . 11.45 3.06 2.86
O1 EDO C . 11.90 2.48 4.22
C2 EDO C . 11.36 4.62 2.78
O2 EDO C . 10.92 5.04 1.32
#